data_4X15
#
_entry.id   4X15
#
_cell.length_a   150.490
_cell.length_b   95.680
_cell.length_c   129.720
_cell.angle_alpha   90.00
_cell.angle_beta   110.30
_cell.angle_gamma   90.00
#
_symmetry.space_group_name_H-M   'C 1 2 1'
#
loop_
_entity.id
_entity.type
_entity.pdbx_description
1 polymer 'Major capsid protein VP1'
2 branched 'N-acetyl-alpha-neuraminic acid-(2-3)-[2-acetamido-2-deoxy-beta-D-galactopyranose-(1-4)]beta-D-galactopyranose-(1-4)-beta-D-glucopyranose'
3 non-polymer GLYCEROL
4 non-polymer 1,2-ETHANEDIOL
5 non-polymer 'POTASSIUM ION'
6 water water
#
_entity_poly.entity_id   1
_entity_poly.type   'polypeptide(L)'
_entity_poly.pdbx_seq_one_letter_code
;GSHMGGVEVLEVKTGVDSITEVECFLTPEMGDPDEHLRGFSKSISISDTFESDSPNRDMLPCYSVARIPLPNLNEDLTCG
NILMWEAVTLKTEVIGVTSLMNVHSNGQATHDNGAGKPVQGTSFHFFSVGGEALELQGVLFNYRTKYPDGTIFPKNATVQ
SQVMNTEHKAYLDKNKAYPVECWVPDPTRNENTRYFGTLTGGENVPPVLHITNTATTVLLDEFGVGPLCKGDNLYLSAVD
VCGMFTNRSGSQQWRGLSRYFKVQLRKRRVKN
;
_entity_poly.pdbx_strand_id   A,B,C,D,E
#
# COMPACT_ATOMS: atom_id res chain seq x y z
N VAL A 7 13.30 39.24 -9.24
CA VAL A 7 12.01 39.55 -9.95
C VAL A 7 10.89 39.70 -8.94
N GLU A 8 10.29 40.89 -8.87
CA GLU A 8 8.98 41.08 -8.22
C GLU A 8 7.89 40.62 -9.20
N VAL A 9 7.04 39.71 -8.75
CA VAL A 9 5.94 39.17 -9.58
C VAL A 9 4.69 40.03 -9.45
N LEU A 10 4.14 40.50 -10.57
CA LEU A 10 2.94 41.34 -10.58
C LEU A 10 1.76 40.58 -11.20
N GLU A 11 0.88 41.25 -11.94
CA GLU A 11 -0.38 40.61 -12.38
C GLU A 11 -0.25 39.68 -13.60
N VAL A 12 -1.19 38.73 -13.68
CA VAL A 12 -1.42 37.89 -14.83
C VAL A 12 -2.12 38.65 -15.95
N LYS A 13 -1.68 38.48 -17.20
CA LYS A 13 -2.39 39.04 -18.35
C LYS A 13 -3.61 38.19 -18.68
N THR A 14 -4.69 38.83 -19.11
CA THR A 14 -5.88 38.12 -19.54
C THR A 14 -6.11 38.38 -21.00
N GLY A 15 -7.11 37.71 -21.56
CA GLY A 15 -7.43 37.84 -22.98
C GLY A 15 -7.05 36.57 -23.70
N VAL A 16 -7.66 36.37 -24.85
CA VAL A 16 -7.46 35.19 -25.68
C VAL A 16 -5.97 34.93 -25.98
N ASP A 17 -5.20 35.99 -26.20
CA ASP A 17 -3.77 35.90 -26.56
C ASP A 17 -2.80 35.58 -25.37
N SER A 18 -3.33 35.45 -24.15
CA SER A 18 -2.49 35.44 -22.97
C SER A 18 -2.07 34.05 -22.49
N ILE A 19 -2.58 33.00 -23.14
CA ILE A 19 -2.31 31.61 -22.72
C ILE A 19 -1.68 30.82 -23.88
N THR A 20 -0.89 29.81 -23.56
CA THR A 20 -0.33 28.93 -24.58
C THR A 20 -0.09 27.55 -23.97
N GLU A 21 0.16 26.60 -24.85
CA GLU A 21 0.26 25.21 -24.48
C GLU A 21 1.50 24.58 -25.06
N VAL A 22 2.11 23.70 -24.29
CA VAL A 22 3.19 22.87 -24.78
C VAL A 22 2.78 21.41 -24.64
N GLU A 23 2.93 20.66 -25.72
CA GLU A 23 2.60 19.25 -25.74
C GLU A 23 3.68 18.48 -26.48
N CYS A 24 4.28 17.48 -25.83
CA CYS A 24 5.39 16.72 -26.40
C CYS A 24 5.68 15.45 -25.60
N PHE A 25 6.59 14.65 -26.13
CA PHE A 25 7.03 13.47 -25.42
C PHE A 25 8.56 13.47 -25.34
N LEU A 26 9.08 12.93 -24.25
CA LEU A 26 10.51 12.75 -24.07
C LEU A 26 10.82 11.26 -24.17
N THR A 27 11.70 10.88 -25.09
CA THR A 27 12.11 9.49 -25.22
C THR A 27 13.09 9.12 -24.12
N PRO A 28 13.12 7.85 -23.70
CA PRO A 28 14.07 7.46 -22.67
C PRO A 28 15.48 7.26 -23.24
N GLU A 29 16.48 7.40 -22.37
CA GLU A 29 17.87 7.24 -22.78
C GLU A 29 18.56 6.21 -21.87
N MET A 30 18.37 4.95 -22.24
CA MET A 30 18.76 3.82 -21.41
C MET A 30 20.15 3.30 -21.74
N GLY A 31 20.70 3.70 -22.89
CA GLY A 31 22.03 3.31 -23.31
C GLY A 31 22.15 2.82 -24.74
N ASP A 32 21.08 2.21 -25.23
CA ASP A 32 20.95 1.83 -26.65
C ASP A 32 22.19 1.12 -27.18
N PRO A 33 22.45 -0.08 -26.66
CA PRO A 33 23.65 -0.85 -26.97
C PRO A 33 23.81 -1.26 -28.43
N ASP A 34 22.73 -1.32 -29.19
CA ASP A 34 22.85 -1.54 -30.63
C ASP A 34 21.65 -0.96 -31.37
N GLU A 35 21.65 -1.14 -32.68
CA GLU A 35 20.63 -0.58 -33.58
C GLU A 35 19.24 -1.23 -33.44
N HIS A 36 19.13 -2.31 -32.69
CA HIS A 36 17.83 -2.96 -32.45
C HIS A 36 17.27 -2.76 -31.06
N LEU A 37 17.99 -2.03 -30.20
CA LEU A 37 17.70 -2.03 -28.75
C LEU A 37 17.49 -0.65 -28.15
N ARG A 38 16.94 0.26 -28.94
CA ARG A 38 16.46 1.55 -28.44
C ARG A 38 15.46 1.29 -27.30
N GLY A 39 15.65 1.99 -26.20
CA GLY A 39 14.81 1.79 -25.01
C GLY A 39 15.38 0.79 -24.01
N PHE A 40 16.46 0.10 -24.36
CA PHE A 40 17.15 -0.81 -23.45
C PHE A 40 18.57 -0.33 -23.13
N SER A 41 19.12 -0.82 -22.03
CA SER A 41 20.53 -0.68 -21.75
C SER A 41 21.30 -1.87 -22.28
N LYS A 42 22.62 -1.75 -22.27
CA LYS A 42 23.48 -2.91 -22.40
C LYS A 42 23.21 -3.88 -21.23
N SER A 43 23.43 -5.18 -21.44
CA SER A 43 23.27 -6.10 -20.30
C SER A 43 24.23 -5.68 -19.19
N ILE A 44 23.82 -5.90 -17.95
CA ILE A 44 24.57 -5.42 -16.80
C ILE A 44 25.63 -6.43 -16.37
N SER A 45 26.88 -5.99 -16.26
CA SER A 45 27.91 -6.82 -15.66
C SER A 45 28.38 -6.19 -14.35
N ILE A 46 29.00 -6.99 -13.50
CA ILE A 46 29.37 -6.59 -12.16
C ILE A 46 30.89 -6.56 -12.03
N SER A 47 31.45 -5.49 -11.45
CA SER A 47 32.89 -5.44 -11.23
C SER A 47 33.31 -6.39 -10.10
N ASP A 48 34.57 -6.80 -10.14
CA ASP A 48 35.16 -7.67 -9.11
C ASP A 48 35.34 -6.97 -7.77
N THR A 49 35.59 -5.67 -7.81
CA THR A 49 35.88 -4.90 -6.60
C THR A 49 35.29 -3.52 -6.76
N PHE A 50 35.18 -2.81 -5.64
CA PHE A 50 34.76 -1.40 -5.67
C PHE A 50 35.69 -0.56 -6.54
N GLU A 51 37.00 -0.74 -6.38
CA GLU A 51 37.96 0.08 -7.11
C GLU A 51 38.01 -0.24 -8.61
N SER A 52 37.53 -1.40 -9.05
CA SER A 52 37.51 -1.72 -10.48
C SER A 52 36.17 -1.45 -11.19
N ASP A 53 35.21 -0.86 -10.47
CA ASP A 53 33.92 -0.51 -11.06
C ASP A 53 34.13 0.47 -12.21
N SER A 54 33.68 0.08 -13.39
CA SER A 54 34.07 0.74 -14.62
C SER A 54 33.00 0.57 -15.70
N PRO A 55 31.80 1.11 -15.45
CA PRO A 55 30.67 0.87 -16.34
C PRO A 55 30.85 1.54 -17.69
N ASN A 56 30.50 0.82 -18.75
CA ASN A 56 30.47 1.40 -20.08
C ASN A 56 29.27 2.29 -20.28
N ARG A 57 29.41 3.24 -21.19
CA ARG A 57 28.39 4.24 -21.42
C ARG A 57 27.05 3.61 -21.77
N ASP A 58 27.05 2.61 -22.64
CA ASP A 58 25.79 2.00 -23.07
C ASP A 58 25.10 1.14 -21.99
N MET A 59 25.77 0.97 -20.84
CA MET A 59 25.15 0.35 -19.65
C MET A 59 24.50 1.34 -18.65
N LEU A 60 24.62 2.65 -18.90
CA LEU A 60 24.16 3.67 -17.96
C LEU A 60 22.95 4.47 -18.46
N PRO A 61 21.77 4.22 -17.87
CA PRO A 61 20.67 5.15 -18.20
C PRO A 61 21.02 6.60 -17.81
N CYS A 62 20.46 7.56 -18.57
CA CYS A 62 20.72 8.98 -18.36
C CYS A 62 19.41 9.74 -18.29
N TYR A 63 19.45 10.92 -17.67
CA TYR A 63 18.31 11.82 -17.62
C TYR A 63 17.94 12.28 -19.03
N SER A 64 16.65 12.44 -19.29
CA SER A 64 16.14 13.05 -20.51
C SER A 64 15.79 14.51 -20.27
N VAL A 65 16.00 15.34 -21.28
CA VAL A 65 15.69 16.77 -21.16
C VAL A 65 15.31 17.34 -22.51
N ALA A 66 14.33 18.24 -22.51
CA ALA A 66 14.00 19.03 -23.70
C ALA A 66 13.84 20.48 -23.26
N ARG A 67 14.46 21.37 -24.03
CA ARG A 67 14.29 22.81 -23.88
C ARG A 67 13.34 23.24 -24.98
N ILE A 68 12.14 23.70 -24.61
CA ILE A 68 11.08 24.02 -25.55
C ILE A 68 10.96 25.53 -25.67
N PRO A 69 11.31 26.09 -26.86
CA PRO A 69 11.11 27.54 -27.03
C PRO A 69 9.62 27.91 -27.05
N LEU A 70 9.31 29.05 -26.42
CA LEU A 70 7.94 29.55 -26.30
C LEU A 70 7.81 30.82 -27.10
N PRO A 71 6.55 31.27 -27.36
CA PRO A 71 6.41 32.51 -28.12
C PRO A 71 7.16 33.69 -27.50
N ASN A 72 7.95 34.37 -28.31
CA ASN A 72 8.78 35.47 -27.86
C ASN A 72 7.93 36.57 -27.20
N LEU A 73 8.36 37.06 -26.04
CA LEU A 73 7.61 38.11 -25.31
C LEU A 73 8.27 39.49 -25.38
N ILE A 82 8.34 44.07 -18.94
CA ILE A 82 8.79 42.67 -18.95
C ILE A 82 7.68 41.67 -18.60
N LEU A 83 7.36 40.80 -19.55
CA LEU A 83 6.44 39.69 -19.36
C LEU A 83 7.20 38.38 -19.43
N MET A 84 6.70 37.37 -18.74
CA MET A 84 7.26 36.02 -18.75
C MET A 84 6.15 35.00 -18.82
N TRP A 85 6.40 33.91 -19.53
CA TRP A 85 5.49 32.76 -19.49
C TRP A 85 5.60 32.07 -18.13
N GLU A 86 4.44 31.76 -17.56
CA GLU A 86 4.34 31.10 -16.26
C GLU A 86 3.68 29.75 -16.45
N ALA A 87 4.34 28.67 -16.03
CA ALA A 87 3.79 27.32 -16.16
C ALA A 87 2.81 27.06 -15.02
N VAL A 88 1.56 26.73 -15.37
CA VAL A 88 0.48 26.66 -14.37
C VAL A 88 0.04 25.22 -14.07
N THR A 89 -0.12 24.40 -15.11
CA THR A 89 -0.61 23.02 -14.94
C THR A 89 0.16 22.07 -15.80
N LEU A 90 0.17 20.81 -15.37
CA LEU A 90 0.82 19.71 -16.07
C LEU A 90 -0.05 18.46 -16.11
N LYS A 91 -0.14 17.86 -17.29
CA LYS A 91 -0.61 16.48 -17.39
C LYS A 91 0.54 15.69 -17.92
N THR A 92 0.74 14.50 -17.37
CA THR A 92 1.86 13.67 -17.75
C THR A 92 1.51 12.18 -17.61
N GLU A 93 2.20 11.36 -18.38
CA GLU A 93 1.84 9.98 -18.50
C GLU A 93 2.98 9.17 -19.12
N VAL A 94 3.25 7.97 -18.58
CA VAL A 94 4.17 7.06 -19.23
C VAL A 94 3.48 6.41 -20.45
N ILE A 95 4.17 6.40 -21.58
CA ILE A 95 3.62 5.95 -22.87
C ILE A 95 4.11 4.55 -23.24
N GLY A 96 3.18 3.64 -23.47
CA GLY A 96 3.50 2.28 -23.87
C GLY A 96 3.52 1.30 -22.71
N VAL A 97 2.74 1.58 -21.67
CA VAL A 97 2.79 0.70 -20.49
C VAL A 97 2.49 -0.77 -20.82
N THR A 98 1.58 -1.02 -21.76
CA THR A 98 1.16 -2.40 -22.11
C THR A 98 2.21 -3.24 -22.87
N SER A 99 3.24 -2.57 -23.40
CA SER A 99 4.37 -3.24 -24.05
C SER A 99 5.05 -4.24 -23.12
N LEU A 100 4.95 -3.98 -21.83
CA LEU A 100 5.53 -4.85 -20.81
C LEU A 100 4.79 -6.17 -20.65
N MET A 101 3.68 -6.36 -21.36
CA MET A 101 3.01 -7.67 -21.42
C MET A 101 3.57 -8.63 -22.48
N ASN A 102 4.57 -8.20 -23.25
CA ASN A 102 5.27 -9.12 -24.13
C ASN A 102 6.18 -9.99 -23.28
N VAL A 103 5.68 -11.17 -22.94
CA VAL A 103 6.42 -12.13 -22.15
C VAL A 103 6.71 -13.37 -23.00
N HIS A 104 6.80 -13.18 -24.31
CA HIS A 104 7.04 -14.30 -25.24
C HIS A 104 8.27 -14.09 -26.11
N SER A 105 9.09 -13.11 -25.76
CA SER A 105 10.19 -12.64 -26.62
C SER A 105 11.56 -12.80 -25.95
N ASN A 106 12.14 -13.98 -26.13
CA ASN A 106 13.49 -14.28 -25.63
C ASN A 106 13.71 -13.92 -24.16
N GLY A 107 12.73 -14.22 -23.33
CA GLY A 107 12.82 -13.98 -21.90
C GLY A 107 13.02 -15.28 -21.16
N GLN A 108 13.61 -15.20 -19.98
CA GLN A 108 13.80 -16.37 -19.14
C GLN A 108 12.47 -16.84 -18.56
N ALA A 109 12.19 -18.13 -18.69
CA ALA A 109 10.96 -18.68 -18.18
C ALA A 109 10.93 -18.58 -16.66
N THR A 110 9.75 -18.31 -16.13
CA THR A 110 9.57 -18.24 -14.68
C THR A 110 9.72 -19.59 -13.99
N HIS A 111 9.47 -20.66 -14.72
CA HIS A 111 9.62 -22.02 -14.22
C HIS A 111 9.48 -22.92 -15.45
N ASP A 112 9.75 -24.21 -15.31
CA ASP A 112 9.69 -25.12 -16.45
C ASP A 112 8.35 -25.04 -17.16
N ASN A 113 8.38 -24.76 -18.46
CA ASN A 113 7.18 -24.63 -19.32
C ASN A 113 6.38 -23.35 -19.13
N GLY A 114 6.87 -22.42 -18.31
CA GLY A 114 6.14 -21.18 -18.01
C GLY A 114 6.40 -20.05 -18.98
N ALA A 115 5.66 -18.94 -18.83
CA ALA A 115 5.88 -17.75 -19.64
C ALA A 115 7.19 -17.07 -19.25
N GLY A 116 7.65 -16.17 -20.09
CA GLY A 116 8.86 -15.40 -19.78
C GLY A 116 8.63 -14.41 -18.64
N LYS A 117 9.69 -14.11 -17.90
CA LYS A 117 9.64 -13.09 -16.88
C LYS A 117 9.34 -11.72 -17.47
N PRO A 118 8.45 -10.96 -16.83
CA PRO A 118 8.22 -9.59 -17.25
C PRO A 118 9.30 -8.68 -16.72
N VAL A 119 9.37 -7.48 -17.24
CA VAL A 119 10.24 -6.42 -16.71
C VAL A 119 9.84 -6.16 -15.27
N GLN A 120 10.84 -6.10 -14.39
CA GLN A 120 10.61 -5.91 -12.98
C GLN A 120 11.92 -5.54 -12.30
N GLY A 121 11.81 -5.17 -11.02
CA GLY A 121 12.96 -4.78 -10.23
C GLY A 121 13.12 -3.27 -10.17
N THR A 122 14.31 -2.83 -9.82
CA THR A 122 14.55 -1.42 -9.51
C THR A 122 14.00 -0.49 -10.61
N SER A 123 13.28 0.54 -10.18
CA SER A 123 12.72 1.54 -11.08
C SER A 123 12.95 2.96 -10.51
N PHE A 124 13.07 3.93 -11.41
CA PHE A 124 13.05 5.33 -11.05
C PHE A 124 12.15 6.04 -12.06
N HIS A 125 11.12 6.68 -11.54
CA HIS A 125 10.18 7.47 -12.34
C HIS A 125 10.24 8.86 -11.80
N PHE A 126 10.54 9.79 -12.70
CA PHE A 126 10.85 11.15 -12.35
C PHE A 126 10.44 12.09 -13.46
N PHE A 127 9.95 13.28 -13.09
CA PHE A 127 9.67 14.31 -14.07
C PHE A 127 9.72 15.69 -13.42
N SER A 128 10.11 16.69 -14.21
CA SER A 128 10.17 18.06 -13.72
C SER A 128 9.76 19.03 -14.78
N VAL A 129 9.20 20.16 -14.36
CA VAL A 129 8.90 21.30 -15.23
C VAL A 129 9.52 22.56 -14.65
N GLY A 130 10.24 23.33 -15.46
CA GLY A 130 10.89 24.53 -14.95
C GLY A 130 11.14 25.61 -15.98
N GLY A 131 11.40 26.81 -15.47
CA GLY A 131 11.67 27.96 -16.32
C GLY A 131 13.16 28.19 -16.55
N GLU A 132 13.95 27.17 -16.20
CA GLU A 132 15.38 27.11 -16.46
C GLU A 132 15.81 25.64 -16.29
N ALA A 133 17.06 25.35 -16.63
CA ALA A 133 17.55 23.97 -16.56
C ALA A 133 17.43 23.40 -15.15
N LEU A 134 17.12 22.11 -15.05
CA LEU A 134 17.10 21.44 -13.77
C LEU A 134 18.51 21.48 -13.17
N GLU A 135 18.61 21.84 -11.89
CA GLU A 135 19.90 21.90 -11.21
C GLU A 135 20.16 20.59 -10.47
N LEU A 136 21.36 20.04 -10.66
CA LEU A 136 21.69 18.70 -10.17
C LEU A 136 22.77 18.75 -9.11
N GLN A 137 22.66 17.83 -8.15
CA GLN A 137 23.69 17.56 -7.18
C GLN A 137 24.20 16.15 -7.40
N GLY A 138 25.51 15.98 -7.36
CA GLY A 138 26.13 14.66 -7.51
C GLY A 138 26.20 13.88 -6.21
N VAL A 139 25.76 12.62 -6.26
CA VAL A 139 25.98 11.63 -5.17
C VAL A 139 26.35 10.29 -5.82
N LEU A 140 27.43 9.70 -5.36
CA LEU A 140 27.98 8.45 -5.92
C LEU A 140 27.77 7.29 -4.97
N PHE A 141 27.38 6.14 -5.51
CA PHE A 141 27.29 4.95 -4.69
C PHE A 141 28.69 4.59 -4.18
N ASN A 142 29.65 4.66 -5.11
CA ASN A 142 31.05 4.26 -4.91
C ASN A 142 31.94 5.30 -5.59
N TYR A 143 32.73 6.04 -4.81
CA TYR A 143 33.46 7.21 -5.35
C TYR A 143 34.56 6.81 -6.32
N ARG A 144 35.03 5.57 -6.22
CA ARG A 144 36.07 5.05 -7.12
C ARG A 144 35.52 4.52 -8.45
N THR A 145 34.22 4.66 -8.69
CA THR A 145 33.68 4.28 -10.01
C THR A 145 34.34 5.12 -11.13
N LYS A 146 34.87 4.47 -12.17
CA LYS A 146 35.36 5.22 -13.34
C LYS A 146 34.22 5.37 -14.33
N TYR A 147 33.71 6.59 -14.48
CA TYR A 147 32.60 6.84 -15.39
C TYR A 147 33.12 7.04 -16.83
N PRO A 148 32.32 6.64 -17.84
CA PRO A 148 32.92 6.55 -19.16
C PRO A 148 32.94 7.86 -19.91
N ASP A 149 33.84 7.92 -20.90
CA ASP A 149 33.90 9.00 -21.87
C ASP A 149 32.55 9.15 -22.53
N GLY A 150 32.17 10.38 -22.78
CA GLY A 150 30.86 10.68 -23.35
C GLY A 150 29.77 10.94 -22.32
N THR A 151 30.04 10.68 -21.04
CA THR A 151 29.11 11.06 -19.98
C THR A 151 29.66 12.23 -19.18
N ILE A 152 28.75 12.94 -18.53
CA ILE A 152 29.08 14.06 -17.66
C ILE A 152 28.76 13.61 -16.24
N PHE A 153 29.78 13.60 -15.39
CA PHE A 153 29.74 12.95 -14.09
C PHE A 153 30.52 13.76 -13.05
N PRO A 154 30.26 13.51 -11.76
CA PRO A 154 30.97 14.27 -10.73
C PRO A 154 32.50 14.15 -10.85
N LYS A 155 33.17 15.31 -10.85
CA LYS A 155 34.62 15.40 -11.03
C LYS A 155 35.32 15.63 -9.71
N ASN A 156 36.58 15.20 -9.63
CA ASN A 156 37.36 15.28 -8.39
C ASN A 156 36.64 14.58 -7.22
N ALA A 157 36.06 13.43 -7.49
CA ALA A 157 35.35 12.63 -6.48
C ALA A 157 36.26 12.32 -5.31
N THR A 158 35.70 12.31 -4.10
CA THR A 158 36.39 11.89 -2.89
C THR A 158 35.44 10.95 -2.15
N VAL A 159 35.90 10.38 -1.04
CA VAL A 159 35.04 9.50 -0.26
C VAL A 159 33.81 10.24 0.26
N GLN A 160 33.93 11.56 0.51
CA GLN A 160 32.79 12.38 0.88
C GLN A 160 31.71 12.43 -0.20
N SER A 161 32.07 12.18 -1.46
CA SER A 161 31.10 12.16 -2.56
C SER A 161 30.07 11.04 -2.40
N GLN A 162 30.37 10.04 -1.57
CA GLN A 162 29.43 8.97 -1.27
C GLN A 162 28.25 9.40 -0.36
N VAL A 163 28.36 10.57 0.28
CA VAL A 163 27.29 11.11 1.11
C VAL A 163 26.84 12.55 0.75
N MET A 164 27.78 13.48 0.63
CA MET A 164 27.50 14.85 0.16
C MET A 164 28.78 15.63 -0.06
N ASN A 165 29.08 15.94 -1.31
CA ASN A 165 30.24 16.77 -1.64
C ASN A 165 29.67 17.91 -2.48
N THR A 166 29.67 19.11 -1.91
CA THR A 166 29.01 20.25 -2.52
C THR A 166 29.71 20.79 -3.77
N GLU A 167 30.88 20.25 -4.10
CA GLU A 167 31.51 20.57 -5.39
C GLU A 167 30.72 20.03 -6.58
N HIS A 168 29.98 18.92 -6.40
CA HIS A 168 29.32 18.29 -7.55
C HIS A 168 28.00 18.98 -7.92
N LYS A 169 28.09 20.17 -8.53
CA LYS A 169 26.93 20.93 -9.03
C LYS A 169 26.91 20.92 -10.57
N ALA A 170 25.74 20.74 -11.16
CA ALA A 170 25.62 20.82 -12.61
C ALA A 170 24.21 21.25 -13.02
N TYR A 171 24.04 21.46 -14.32
CA TYR A 171 22.75 21.74 -14.94
C TYR A 171 22.43 20.60 -15.91
N LEU A 172 21.19 20.14 -15.88
CA LEU A 172 20.75 19.15 -16.85
C LEU A 172 20.52 19.88 -18.16
N ASP A 173 21.59 19.97 -18.95
CA ASP A 173 21.64 20.87 -20.11
C ASP A 173 21.94 20.12 -21.42
N LYS A 174 21.86 18.79 -21.38
CA LYS A 174 22.25 17.98 -22.51
C LYS A 174 21.68 16.57 -22.39
N ASN A 175 21.37 15.98 -23.52
CA ASN A 175 20.84 14.63 -23.57
C ASN A 175 21.91 13.59 -23.70
N LYS A 176 21.51 12.36 -23.32
CA LYS A 176 22.40 11.19 -23.32
C LYS A 176 23.70 11.45 -22.60
N ALA A 177 23.67 12.22 -21.54
CA ALA A 177 24.92 12.67 -20.94
C ALA A 177 25.04 12.47 -19.45
N TYR A 178 23.96 12.74 -18.70
CA TYR A 178 24.00 12.77 -17.24
C TYR A 178 23.45 11.46 -16.69
N PRO A 179 24.33 10.57 -16.19
CA PRO A 179 23.81 9.26 -15.77
C PRO A 179 22.90 9.38 -14.56
N VAL A 180 21.80 8.64 -14.59
CA VAL A 180 20.83 8.67 -13.52
C VAL A 180 21.48 8.37 -12.16
N GLU A 181 22.38 7.39 -12.13
CA GLU A 181 22.96 6.91 -10.87
C GLU A 181 23.89 7.91 -10.16
N CYS A 182 24.36 8.93 -10.89
CA CYS A 182 25.33 9.93 -10.41
C CYS A 182 24.71 11.19 -9.88
N TRP A 183 23.51 11.49 -10.35
CA TRP A 183 22.91 12.82 -10.15
C TRP A 183 21.48 12.75 -9.63
N VAL A 184 21.14 13.70 -8.77
CA VAL A 184 19.77 13.97 -8.38
C VAL A 184 19.48 15.47 -8.49
N PRO A 185 18.20 15.86 -8.56
CA PRO A 185 17.84 17.27 -8.37
C PRO A 185 18.44 17.84 -7.06
N ASP A 186 19.10 19.00 -7.16
CA ASP A 186 19.68 19.69 -6.04
C ASP A 186 18.57 20.34 -5.21
N PRO A 187 18.30 19.80 -4.00
CA PRO A 187 17.23 20.43 -3.22
C PRO A 187 17.60 21.79 -2.65
N THR A 188 18.88 22.16 -2.67
CA THR A 188 19.31 23.48 -2.21
C THR A 188 19.05 24.57 -3.24
N ARG A 189 18.75 24.20 -4.48
CA ARG A 189 18.43 25.18 -5.51
C ARG A 189 17.06 24.82 -6.12
N ASN A 190 16.90 24.91 -7.44
CA ASN A 190 15.64 24.56 -8.13
C ASN A 190 14.37 25.31 -7.71
N GLU A 191 14.54 26.55 -7.26
CA GLU A 191 13.40 27.38 -6.84
C GLU A 191 12.42 27.68 -8.00
N ASN A 192 12.93 27.69 -9.23
CA ASN A 192 12.13 28.00 -10.42
C ASN A 192 11.78 26.75 -11.22
N THR A 193 11.75 25.61 -10.52
CA THR A 193 11.40 24.32 -11.12
C THR A 193 10.49 23.55 -10.15
N ARG A 194 9.61 22.70 -10.67
CA ARG A 194 8.84 21.76 -9.83
C ARG A 194 9.27 20.36 -10.25
N TYR A 195 9.80 19.59 -9.31
CA TYR A 195 10.24 18.21 -9.60
C TYR A 195 9.56 17.16 -8.73
N PHE A 196 9.46 15.94 -9.27
CA PHE A 196 8.72 14.85 -8.62
C PHE A 196 9.38 13.55 -9.04
N GLY A 197 9.71 12.69 -8.05
CA GLY A 197 10.41 11.45 -8.35
C GLY A 197 10.24 10.35 -7.30
N THR A 198 10.31 9.11 -7.75
CA THR A 198 10.22 7.93 -6.87
C THR A 198 11.20 6.88 -7.32
N LEU A 199 12.11 6.51 -6.43
CA LEU A 199 12.97 5.35 -6.60
C LEU A 199 12.31 4.19 -5.84
N THR A 200 12.08 3.07 -6.51
CA THR A 200 11.60 1.85 -5.87
C THR A 200 12.63 0.74 -6.12
N GLY A 201 13.35 0.32 -5.07
CA GLY A 201 14.49 -0.59 -5.22
C GLY A 201 14.20 -2.03 -4.84
N GLY A 202 14.84 -2.99 -5.47
CA GLY A 202 14.65 -4.42 -5.11
C GLY A 202 14.48 -5.20 -6.38
N GLU A 203 15.10 -6.37 -6.50
CA GLU A 203 15.09 -7.10 -7.77
C GLU A 203 13.73 -7.67 -8.16
N ASN A 204 12.77 -7.71 -7.25
CA ASN A 204 11.47 -8.31 -7.60
C ASN A 204 10.32 -7.33 -7.53
N VAL A 205 10.66 -6.05 -7.44
CA VAL A 205 9.65 -5.02 -7.38
C VAL A 205 8.81 -5.03 -8.65
N PRO A 206 7.48 -5.05 -8.51
CA PRO A 206 6.58 -5.03 -9.65
C PRO A 206 6.34 -3.61 -10.19
N PRO A 207 6.44 -3.42 -11.52
CA PRO A 207 5.98 -2.13 -12.05
C PRO A 207 4.47 -1.91 -11.79
N VAL A 208 4.11 -0.71 -11.33
CA VAL A 208 2.71 -0.30 -11.14
C VAL A 208 2.58 1.03 -11.89
N LEU A 209 1.97 0.99 -13.06
CA LEU A 209 1.93 2.15 -13.95
C LEU A 209 0.48 2.51 -14.25
N HIS A 210 0.08 3.70 -13.81
CA HIS A 210 -1.27 4.17 -13.96
C HIS A 210 -1.33 5.10 -15.15
N ILE A 211 -2.39 5.01 -15.94
CA ILE A 211 -2.63 5.97 -17.03
C ILE A 211 -4.06 6.51 -16.92
N THR A 212 -4.19 7.80 -17.25
CA THR A 212 -5.48 8.48 -17.32
C THR A 212 -5.28 9.86 -17.96
N ASN A 213 -6.30 10.34 -18.67
CA ASN A 213 -6.28 11.70 -19.18
C ASN A 213 -7.11 12.65 -18.30
N THR A 214 -7.42 12.25 -17.06
CA THR A 214 -8.26 13.04 -16.19
C THR A 214 -7.49 13.64 -15.00
N ALA A 215 -6.17 13.45 -14.95
CA ALA A 215 -5.38 13.94 -13.82
C ALA A 215 -4.50 15.15 -14.22
N THR A 216 -4.58 16.22 -13.44
CA THR A 216 -3.75 17.41 -13.65
C THR A 216 -2.91 17.70 -12.40
N THR A 217 -1.65 18.08 -12.58
CA THR A 217 -0.83 18.58 -11.48
C THR A 217 -0.71 20.12 -11.59
N VAL A 218 -1.00 20.79 -10.48
CA VAL A 218 -0.91 22.24 -10.41
C VAL A 218 0.55 22.61 -10.04
N LEU A 219 1.14 23.51 -10.81
CA LEU A 219 2.55 23.84 -10.66
C LEU A 219 2.82 25.09 -9.83
N LEU A 220 1.76 25.73 -9.34
CA LEU A 220 1.90 26.94 -8.53
C LEU A 220 2.51 26.65 -7.15
N ASP A 221 3.40 27.53 -6.70
CA ASP A 221 3.94 27.43 -5.34
C ASP A 221 2.94 28.02 -4.36
N GLU A 222 3.35 28.20 -3.11
CA GLU A 222 2.44 28.62 -2.04
C GLU A 222 2.03 30.12 -2.13
N PHE A 223 2.69 30.89 -3.00
CA PHE A 223 2.26 32.25 -3.28
C PHE A 223 1.44 32.36 -4.56
N GLY A 224 1.06 31.24 -5.17
CA GLY A 224 0.28 31.27 -6.42
C GLY A 224 1.11 31.51 -7.68
N VAL A 225 2.40 31.22 -7.62
CA VAL A 225 3.31 31.49 -8.73
C VAL A 225 3.91 30.19 -9.25
N GLY A 226 3.78 29.95 -10.55
CA GLY A 226 4.43 28.81 -11.19
C GLY A 226 5.83 29.14 -11.69
N PRO A 227 6.53 28.14 -12.25
CA PRO A 227 7.83 28.41 -12.86
C PRO A 227 7.73 29.52 -13.90
N LEU A 228 8.69 30.43 -13.85
CA LEU A 228 8.75 31.59 -14.77
C LEU A 228 9.85 31.38 -15.81
N CYS A 229 9.48 31.43 -17.08
CA CYS A 229 10.36 30.92 -18.15
C CYS A 229 11.36 31.94 -18.68
N LYS A 230 12.61 31.84 -18.20
CA LYS A 230 13.66 32.79 -18.58
C LYS A 230 14.02 32.64 -20.05
N GLY A 231 14.14 33.76 -20.75
CA GLY A 231 14.46 33.75 -22.17
C GLY A 231 13.41 33.03 -23.00
N ASP A 232 12.19 32.89 -22.47
CA ASP A 232 11.09 32.22 -23.17
C ASP A 232 11.40 30.76 -23.50
N ASN A 233 12.01 30.06 -22.56
CA ASN A 233 12.29 28.63 -22.70
C ASN A 233 11.68 27.87 -21.54
N LEU A 234 11.00 26.77 -21.86
CA LEU A 234 10.45 25.83 -20.89
C LEU A 234 11.32 24.58 -20.84
N TYR A 235 11.65 24.13 -19.63
CA TYR A 235 12.49 22.95 -19.48
C TYR A 235 11.70 21.78 -18.90
N LEU A 236 11.64 20.69 -19.68
CA LEU A 236 11.03 19.46 -19.25
C LEU A 236 12.11 18.38 -19.09
N SER A 237 12.04 17.63 -18.00
CA SER A 237 13.03 16.56 -17.71
C SER A 237 12.32 15.32 -17.21
N ALA A 238 12.89 14.16 -17.52
CA ALA A 238 12.29 12.86 -17.15
C ALA A 238 13.27 11.70 -17.06
N VAL A 239 12.95 10.76 -16.18
CA VAL A 239 13.53 9.45 -16.21
C VAL A 239 12.39 8.46 -15.95
N ASP A 240 12.28 7.41 -16.78
CA ASP A 240 11.35 6.33 -16.50
C ASP A 240 12.00 5.00 -16.74
N VAL A 241 12.89 4.63 -15.82
CA VAL A 241 13.49 3.32 -15.81
C VAL A 241 12.44 2.44 -15.15
N CYS A 242 11.87 1.51 -15.91
CA CYS A 242 10.73 0.71 -15.47
C CYS A 242 11.14 -0.55 -14.70
N GLY A 243 12.39 -0.95 -14.87
CA GLY A 243 12.93 -2.16 -14.28
C GLY A 243 13.93 -2.79 -15.24
N MET A 244 14.14 -4.09 -15.07
CA MET A 244 15.04 -4.85 -15.88
C MET A 244 14.33 -5.95 -16.64
N PHE A 245 14.71 -6.11 -17.90
CA PHE A 245 14.35 -7.27 -18.69
C PHE A 245 15.41 -8.37 -18.55
N THR A 246 14.96 -9.60 -18.34
CA THR A 246 15.84 -10.76 -18.21
C THR A 246 15.71 -11.67 -19.42
N ASN A 247 16.77 -11.80 -20.21
CA ASN A 247 16.70 -12.74 -21.35
C ASN A 247 16.97 -14.17 -20.90
N ARG A 248 17.02 -15.11 -21.85
CA ARG A 248 17.04 -16.53 -21.51
C ARG A 248 18.34 -16.98 -20.86
N SER A 249 19.42 -16.25 -21.11
CA SER A 249 20.69 -16.57 -20.48
C SER A 249 20.72 -16.10 -19.02
N GLY A 250 19.74 -15.28 -18.60
CA GLY A 250 19.75 -14.72 -17.25
C GLY A 250 20.33 -13.30 -17.19
N SER A 251 20.96 -12.84 -18.26
CA SER A 251 21.50 -11.48 -18.23
C SER A 251 20.37 -10.47 -18.27
N GLN A 252 20.61 -9.28 -17.71
CA GLN A 252 19.53 -8.35 -17.49
C GLN A 252 19.88 -6.97 -18.04
N GLN A 253 18.85 -6.27 -18.54
CA GLN A 253 19.01 -4.95 -19.12
C GLN A 253 17.94 -4.00 -18.60
N TRP A 254 18.33 -2.76 -18.35
CA TRP A 254 17.33 -1.75 -17.98
C TRP A 254 16.36 -1.56 -19.17
N ARG A 255 15.07 -1.38 -18.88
CA ARG A 255 14.07 -1.04 -19.91
C ARG A 255 13.34 0.24 -19.49
N GLY A 256 13.30 1.23 -20.37
CA GLY A 256 12.60 2.50 -20.12
C GLY A 256 11.52 2.79 -21.15
N LEU A 257 10.67 3.74 -20.81
CA LEU A 257 9.57 4.14 -21.68
C LEU A 257 9.52 5.68 -21.78
N SER A 258 8.87 6.16 -22.84
CA SER A 258 8.69 7.58 -23.09
C SER A 258 7.70 8.19 -22.08
N ARG A 259 7.81 9.51 -21.88
CA ARG A 259 6.86 10.25 -21.06
C ARG A 259 6.21 11.41 -21.84
N TYR A 260 4.89 11.47 -21.76
CA TYR A 260 4.10 12.58 -22.31
C TYR A 260 4.06 13.75 -21.35
N PHE A 261 4.21 14.97 -21.87
CA PHE A 261 3.98 16.19 -21.11
C PHE A 261 2.98 17.08 -21.86
N LYS A 262 2.05 17.67 -21.11
CA LYS A 262 1.26 18.78 -21.60
C LYS A 262 1.20 19.83 -20.50
N VAL A 263 1.71 21.01 -20.82
CA VAL A 263 1.81 22.10 -19.86
C VAL A 263 1.05 23.32 -20.38
N GLN A 264 0.22 23.90 -19.51
CA GLN A 264 -0.51 25.14 -19.83
CA GLN A 264 -0.51 25.14 -19.82
C GLN A 264 0.23 26.32 -19.20
N LEU A 265 0.39 27.37 -19.97
CA LEU A 265 1.12 28.54 -19.51
C LEU A 265 0.33 29.81 -19.72
N ARG A 266 0.62 30.81 -18.90
CA ARG A 266 0.00 32.13 -18.99
C ARG A 266 1.05 33.24 -18.90
N LYS A 267 0.73 34.41 -19.41
CA LYS A 267 1.67 35.54 -19.38
C LYS A 267 1.57 36.25 -18.04
N ARG A 268 2.72 36.43 -17.39
CA ARG A 268 2.84 37.13 -16.11
C ARG A 268 3.78 38.32 -16.23
N ARG A 269 3.37 39.48 -15.71
CA ARG A 269 4.25 40.65 -15.65
C ARG A 269 5.14 40.59 -14.41
N VAL A 270 6.41 40.94 -14.59
CA VAL A 270 7.39 41.02 -13.48
C VAL A 270 8.14 42.37 -13.57
N LYS A 271 8.86 42.76 -12.51
CA LYS A 271 9.59 44.05 -12.50
C LYS A 271 11.09 43.85 -12.36
N VAL B 7 -17.15 23.01 -32.19
CA VAL B 7 -18.34 22.86 -31.31
C VAL B 7 -18.28 23.84 -30.15
N GLU B 8 -19.13 24.88 -30.20
CA GLU B 8 -19.50 25.64 -29.02
C GLU B 8 -20.52 24.79 -28.26
N VAL B 9 -20.24 24.50 -26.99
CA VAL B 9 -21.15 23.71 -26.14
C VAL B 9 -22.06 24.70 -25.42
N LEU B 10 -23.37 24.48 -25.50
CA LEU B 10 -24.31 25.41 -24.92
C LEU B 10 -25.07 24.75 -23.76
N GLU B 11 -26.33 25.09 -23.53
CA GLU B 11 -27.02 24.61 -22.32
C GLU B 11 -27.44 23.14 -22.37
N VAL B 12 -27.57 22.57 -21.17
CA VAL B 12 -28.14 21.25 -20.96
C VAL B 12 -29.66 21.33 -21.06
N LYS B 13 -30.30 20.36 -21.72
CA LYS B 13 -31.77 20.27 -21.70
C LYS B 13 -32.23 19.67 -20.37
N THR B 14 -33.39 20.09 -19.89
CA THR B 14 -34.04 19.45 -18.74
C THR B 14 -35.39 18.87 -19.18
N GLY B 15 -36.12 18.26 -18.25
CA GLY B 15 -37.41 17.61 -18.53
C GLY B 15 -37.20 16.10 -18.52
N VAL B 16 -38.28 15.35 -18.38
CA VAL B 16 -38.17 13.88 -18.25
C VAL B 16 -37.51 13.25 -19.49
N ASP B 17 -37.80 13.82 -20.65
CA ASP B 17 -37.27 13.35 -21.94
C ASP B 17 -35.73 13.49 -22.13
N SER B 18 -35.04 14.17 -21.22
CA SER B 18 -33.69 14.66 -21.49
C SER B 18 -32.53 13.82 -20.96
N ILE B 19 -32.84 12.72 -20.26
CA ILE B 19 -31.81 11.85 -19.70
C ILE B 19 -32.01 10.43 -20.19
N THR B 20 -30.91 9.70 -20.36
CA THR B 20 -31.00 8.27 -20.65
C THR B 20 -29.84 7.51 -20.03
N GLU B 21 -29.94 6.19 -20.04
CA GLU B 21 -29.01 5.37 -19.30
C GLU B 21 -28.57 4.20 -20.20
N VAL B 22 -27.29 3.87 -20.17
CA VAL B 22 -26.78 2.71 -20.88
C VAL B 22 -26.18 1.74 -19.86
N GLU B 23 -26.58 0.47 -19.95
CA GLU B 23 -26.11 -0.53 -19.04
C GLU B 23 -25.76 -1.77 -19.84
N CYS B 24 -24.54 -2.28 -19.66
CA CYS B 24 -24.08 -3.45 -20.41
C CYS B 24 -22.79 -4.04 -19.84
N PHE B 25 -22.36 -5.14 -20.42
CA PHE B 25 -21.07 -5.77 -20.06
C PHE B 25 -20.25 -6.01 -21.32
N LEU B 26 -18.95 -5.80 -21.21
CA LEU B 26 -18.02 -6.16 -22.25
C LEU B 26 -17.33 -7.45 -21.84
N THR B 27 -17.32 -8.42 -22.74
CA THR B 27 -16.64 -9.67 -22.51
C THR B 27 -15.15 -9.53 -22.85
N PRO B 28 -14.29 -10.27 -22.14
CA PRO B 28 -12.87 -10.17 -22.42
C PRO B 28 -12.51 -10.91 -23.72
N GLU B 29 -11.44 -10.46 -24.34
CA GLU B 29 -10.94 -11.11 -25.57
C GLU B 29 -9.49 -11.52 -25.37
N MET B 30 -9.33 -12.65 -24.69
CA MET B 30 -8.02 -13.16 -24.31
C MET B 30 -7.36 -14.05 -25.36
N GLY B 31 -8.12 -14.50 -26.36
CA GLY B 31 -7.56 -15.32 -27.44
C GLY B 31 -8.37 -16.56 -27.79
N ASP B 32 -8.95 -17.18 -26.76
CA ASP B 32 -9.94 -18.26 -26.92
C ASP B 32 -9.41 -19.37 -27.83
N PRO B 33 -8.37 -20.09 -27.39
CA PRO B 33 -7.66 -21.01 -28.28
C PRO B 33 -8.46 -22.27 -28.72
N ASP B 34 -9.54 -22.60 -28.02
CA ASP B 34 -10.47 -23.63 -28.51
C ASP B 34 -11.87 -23.39 -27.97
N GLU B 35 -12.78 -24.30 -28.29
CA GLU B 35 -14.20 -24.20 -27.95
C GLU B 35 -14.52 -24.27 -26.45
N HIS B 36 -13.57 -24.69 -25.62
CA HIS B 36 -13.77 -24.77 -24.19
C HIS B 36 -13.10 -23.66 -23.40
N LEU B 37 -12.37 -22.77 -24.08
CA LEU B 37 -11.43 -21.89 -23.39
C LEU B 37 -11.70 -20.38 -23.54
N ARG B 38 -12.96 -20.02 -23.68
CA ARG B 38 -13.39 -18.62 -23.69
C ARG B 38 -12.93 -17.98 -22.38
N GLY B 39 -12.27 -16.82 -22.49
CA GLY B 39 -11.70 -16.14 -21.32
C GLY B 39 -10.25 -16.49 -21.02
N PHE B 40 -9.68 -17.43 -21.75
CA PHE B 40 -8.29 -17.82 -21.61
C PHE B 40 -7.58 -17.53 -22.92
N SER B 41 -6.25 -17.35 -22.86
CA SER B 41 -5.42 -17.39 -24.04
C SER B 41 -4.85 -18.80 -24.26
N LYS B 42 -4.25 -19.00 -25.42
CA LYS B 42 -3.34 -20.12 -25.64
C LYS B 42 -2.22 -20.04 -24.62
N SER B 43 -1.64 -21.18 -24.26
CA SER B 43 -0.49 -21.16 -23.36
C SER B 43 0.64 -20.40 -24.01
N ILE B 44 1.39 -19.69 -23.20
CA ILE B 44 2.46 -18.82 -23.67
C ILE B 44 3.77 -19.58 -23.95
N SER B 45 4.33 -19.39 -25.14
CA SER B 45 5.65 -19.92 -25.48
C SER B 45 6.60 -18.76 -25.74
N ILE B 46 7.90 -19.03 -25.70
CA ILE B 46 8.92 -17.99 -25.72
C ILE B 46 9.85 -18.15 -26.93
N SER B 47 10.02 -17.09 -27.71
CA SER B 47 10.90 -17.14 -28.87
C SER B 47 12.36 -17.24 -28.41
N ASP B 48 13.20 -17.83 -29.25
CA ASP B 48 14.63 -17.99 -28.94
C ASP B 48 15.45 -16.71 -29.20
N THR B 49 14.91 -15.80 -30.02
CA THR B 49 15.56 -14.52 -30.28
C THR B 49 14.49 -13.44 -30.42
N PHE B 50 14.87 -12.18 -30.28
CA PHE B 50 13.96 -11.09 -30.54
C PHE B 50 13.42 -11.16 -31.98
N GLU B 51 14.28 -11.33 -32.97
CA GLU B 51 13.79 -11.34 -34.35
C GLU B 51 12.83 -12.49 -34.71
N SER B 52 12.89 -13.62 -33.99
CA SER B 52 11.99 -14.76 -34.24
C SER B 52 10.68 -14.74 -33.42
N ASP B 53 10.43 -13.65 -32.68
CA ASP B 53 9.21 -13.50 -31.90
C ASP B 53 8.01 -13.45 -32.85
N SER B 54 7.17 -14.48 -32.82
CA SER B 54 6.01 -14.61 -33.72
C SER B 54 4.80 -15.12 -32.98
N PRO B 55 4.17 -14.26 -32.16
CA PRO B 55 3.08 -14.82 -31.36
C PRO B 55 1.87 -15.26 -32.21
N ASN B 56 1.29 -16.42 -31.88
CA ASN B 56 0.01 -16.85 -32.47
C ASN B 56 -1.09 -15.90 -32.04
N ARG B 57 -2.09 -15.72 -32.90
CA ARG B 57 -3.19 -14.83 -32.59
C ARG B 57 -3.90 -15.20 -31.28
N ASP B 58 -4.20 -16.49 -31.10
CA ASP B 58 -4.93 -16.91 -29.92
C ASP B 58 -4.09 -16.86 -28.63
N MET B 59 -2.82 -16.46 -28.74
CA MET B 59 -1.97 -16.19 -27.57
C MET B 59 -1.95 -14.71 -27.14
N LEU B 60 -2.64 -13.84 -27.89
CA LEU B 60 -2.57 -12.40 -27.67
C LEU B 60 -3.89 -11.80 -27.17
N PRO B 61 -3.92 -11.33 -25.91
CA PRO B 61 -5.11 -10.59 -25.48
C PRO B 61 -5.33 -9.31 -26.31
N CYS B 62 -6.58 -9.01 -26.66
CA CYS B 62 -6.91 -7.77 -27.36
C CYS B 62 -7.80 -6.84 -26.54
N TYR B 63 -7.86 -5.57 -26.95
CA TYR B 63 -8.82 -4.61 -26.39
C TYR B 63 -10.25 -5.04 -26.74
N SER B 64 -11.17 -4.86 -25.80
CA SER B 64 -12.60 -4.99 -26.06
C SER B 64 -13.23 -3.63 -26.29
N VAL B 65 -14.19 -3.58 -27.20
CA VAL B 65 -14.90 -2.33 -27.52
C VAL B 65 -16.36 -2.65 -27.85
N ALA B 66 -17.26 -1.78 -27.43
CA ALA B 66 -18.66 -1.82 -27.84
C ALA B 66 -19.08 -0.41 -28.26
N ARG B 67 -19.72 -0.33 -29.43
CA ARG B 67 -20.36 0.89 -29.91
C ARG B 67 -21.86 0.74 -29.65
N ILE B 68 -22.40 1.60 -28.78
CA ILE B 68 -23.77 1.49 -28.32
C ILE B 68 -24.60 2.59 -28.94
N PRO B 69 -25.63 2.23 -29.73
CA PRO B 69 -26.56 3.25 -30.28
C PRO B 69 -27.41 3.88 -29.18
N LEU B 70 -27.57 5.20 -29.24
CA LEU B 70 -28.40 5.96 -28.32
C LEU B 70 -29.68 6.43 -29.02
N PRO B 71 -30.69 6.86 -28.24
CA PRO B 71 -31.89 7.34 -28.93
C PRO B 71 -31.55 8.49 -29.87
N ASN B 72 -32.09 8.41 -31.09
CA ASN B 72 -31.73 9.33 -32.16
C ASN B 72 -32.15 10.75 -31.82
N LEU B 73 -31.29 11.71 -32.14
CA LEU B 73 -31.55 13.13 -31.96
C LEU B 73 -31.55 13.78 -33.35
N ILE B 82 -29.15 21.45 -33.04
CA ILE B 82 -28.27 20.30 -32.86
C ILE B 82 -28.09 19.89 -31.39
N LEU B 83 -28.61 18.72 -31.04
CA LEU B 83 -28.41 18.13 -29.71
C LEU B 83 -27.47 16.92 -29.78
N MET B 84 -26.69 16.71 -28.72
CA MET B 84 -25.84 15.52 -28.57
C MET B 84 -26.00 14.97 -27.17
N TRP B 85 -25.92 13.65 -27.03
CA TRP B 85 -25.92 13.00 -25.73
C TRP B 85 -24.57 13.22 -25.08
N GLU B 86 -24.60 13.60 -23.81
CA GLU B 86 -23.41 13.89 -23.02
C GLU B 86 -23.29 12.87 -21.89
N ALA B 87 -22.22 12.09 -21.87
CA ALA B 87 -21.97 11.13 -20.78
C ALA B 87 -21.49 11.88 -19.54
N VAL B 88 -22.18 11.68 -18.43
CA VAL B 88 -21.98 12.47 -17.19
C VAL B 88 -21.39 11.61 -16.06
N THR B 89 -21.87 10.38 -15.89
CA THR B 89 -21.34 9.50 -14.84
C THR B 89 -21.20 8.06 -15.32
N LEU B 90 -20.30 7.34 -14.63
CA LEU B 90 -20.02 5.94 -14.87
C LEU B 90 -20.03 5.14 -13.56
N LYS B 91 -20.72 3.99 -13.57
CA LYS B 91 -20.45 2.92 -12.61
C LYS B 91 -19.86 1.76 -13.38
N THR B 92 -18.83 1.15 -12.81
CA THR B 92 -18.15 0.01 -13.46
C THR B 92 -17.57 -0.98 -12.45
N GLU B 93 -17.46 -2.23 -12.85
CA GLU B 93 -16.70 -3.20 -12.07
C GLU B 93 -16.46 -4.52 -12.84
N VAL B 94 -15.48 -5.26 -12.35
CA VAL B 94 -15.11 -6.54 -12.96
C VAL B 94 -16.12 -7.57 -12.46
N ILE B 95 -16.62 -8.39 -13.38
CA ILE B 95 -17.68 -9.37 -13.10
C ILE B 95 -17.09 -10.78 -12.99
N GLY B 96 -17.33 -11.42 -11.86
CA GLY B 96 -16.91 -12.82 -11.64
C GLY B 96 -15.59 -12.96 -10.89
N VAL B 97 -15.27 -11.97 -10.04
CA VAL B 97 -13.98 -11.96 -9.36
C VAL B 97 -13.75 -13.24 -8.55
N THR B 98 -14.82 -13.83 -8.01
CA THR B 98 -14.68 -15.00 -7.12
C THR B 98 -14.35 -16.31 -7.85
N SER B 99 -14.47 -16.31 -9.18
CA SER B 99 -14.07 -17.46 -9.99
C SER B 99 -12.59 -17.79 -9.79
N LEU B 100 -11.79 -16.76 -9.48
CA LEU B 100 -10.36 -16.94 -9.20
C LEU B 100 -10.07 -17.74 -7.91
N MET B 101 -11.10 -18.10 -7.16
CA MET B 101 -10.97 -18.99 -6.01
C MET B 101 -11.01 -20.46 -6.38
N ASN B 102 -11.21 -20.77 -7.66
CA ASN B 102 -11.11 -22.15 -8.09
C ASN B 102 -9.65 -22.59 -8.17
N VAL B 103 -9.17 -23.22 -7.10
CA VAL B 103 -7.80 -23.71 -7.01
C VAL B 103 -7.71 -25.24 -7.05
N HIS B 104 -8.71 -25.86 -7.65
CA HIS B 104 -8.79 -27.32 -7.70
C HIS B 104 -8.91 -27.90 -9.11
N SER B 105 -8.79 -27.06 -10.14
CA SER B 105 -9.05 -27.48 -11.51
C SER B 105 -7.76 -27.71 -12.27
N ASN B 106 -7.10 -28.84 -11.95
CA ASN B 106 -5.86 -29.28 -12.58
C ASN B 106 -4.76 -28.23 -12.70
N GLY B 107 -4.63 -27.40 -11.67
CA GLY B 107 -3.57 -26.40 -11.60
C GLY B 107 -2.31 -27.03 -11.04
N GLN B 108 -1.30 -26.20 -10.77
CA GLN B 108 -0.02 -26.68 -10.26
C GLN B 108 0.07 -26.46 -8.76
N ALA B 109 0.19 -27.55 -8.01
CA ALA B 109 0.31 -27.50 -6.55
C ALA B 109 1.46 -26.60 -6.13
N THR B 110 1.19 -25.75 -5.17
CA THR B 110 2.19 -24.83 -4.64
C THR B 110 3.33 -25.59 -3.95
N HIS B 111 3.01 -26.76 -3.40
CA HIS B 111 3.97 -27.62 -2.72
C HIS B 111 3.34 -29.02 -2.59
N ASP B 112 4.05 -29.98 -2.02
CA ASP B 112 3.50 -31.34 -1.90
C ASP B 112 2.22 -31.40 -1.10
N ASN B 113 1.16 -31.89 -1.75
CA ASN B 113 -0.18 -32.03 -1.16
C ASN B 113 -0.95 -30.73 -1.02
N GLY B 114 -0.41 -29.63 -1.56
CA GLY B 114 -1.03 -28.32 -1.43
C GLY B 114 -2.12 -28.09 -2.47
N ALA B 115 -2.85 -26.98 -2.33
CA ALA B 115 -3.81 -26.54 -3.34
C ALA B 115 -3.10 -25.97 -4.58
N GLY B 116 -3.88 -25.76 -5.62
CA GLY B 116 -3.37 -25.19 -6.87
C GLY B 116 -3.01 -23.72 -6.75
N LYS B 117 -1.96 -23.31 -7.44
CA LYS B 117 -1.61 -21.91 -7.55
C LYS B 117 -2.79 -21.16 -8.16
N PRO B 118 -3.23 -20.08 -7.50
CA PRO B 118 -4.28 -19.27 -8.09
C PRO B 118 -3.73 -18.36 -9.17
N VAL B 119 -4.64 -17.80 -9.96
CA VAL B 119 -4.30 -16.84 -11.02
C VAL B 119 -3.56 -15.65 -10.42
N GLN B 120 -2.47 -15.26 -11.04
CA GLN B 120 -1.59 -14.22 -10.52
C GLN B 120 -0.62 -13.80 -11.60
N GLY B 121 0.16 -12.77 -11.29
CA GLY B 121 1.11 -12.21 -12.23
C GLY B 121 0.56 -11.03 -12.99
N THR B 122 1.28 -10.66 -14.04
CA THR B 122 1.04 -9.44 -14.82
C THR B 122 -0.45 -9.22 -15.13
N SER B 123 -0.98 -8.06 -14.73
CA SER B 123 -2.37 -7.69 -15.01
C SER B 123 -2.43 -6.33 -15.70
N PHE B 124 -3.47 -6.13 -16.50
CA PHE B 124 -3.81 -4.82 -17.05
C PHE B 124 -5.31 -4.67 -16.91
N HIS B 125 -5.71 -3.67 -16.13
CA HIS B 125 -7.11 -3.34 -15.93
C HIS B 125 -7.33 -1.91 -16.44
N PHE B 126 -8.30 -1.76 -17.36
CA PHE B 126 -8.48 -0.56 -18.17
C PHE B 126 -9.94 -0.41 -18.60
N PHE B 127 -10.43 0.83 -18.59
CA PHE B 127 -11.72 1.12 -19.17
C PHE B 127 -11.80 2.57 -19.68
N SER B 128 -12.63 2.79 -20.69
CA SER B 128 -12.85 4.12 -21.22
C SER B 128 -14.29 4.35 -21.68
N VAL B 129 -14.73 5.59 -21.56
CA VAL B 129 -16.03 6.02 -22.05
C VAL B 129 -15.80 7.26 -22.90
N GLY B 130 -16.28 7.21 -24.14
CA GLY B 130 -16.13 8.31 -25.08
C GLY B 130 -17.29 8.47 -26.05
N GLY B 131 -17.31 9.62 -26.71
CA GLY B 131 -18.31 9.96 -27.72
C GLY B 131 -17.85 9.65 -29.13
N GLU B 132 -16.78 8.86 -29.22
CA GLU B 132 -16.17 8.39 -30.44
C GLU B 132 -15.14 7.34 -30.04
N ALA B 133 -14.59 6.63 -31.03
CA ALA B 133 -13.66 5.54 -30.78
C ALA B 133 -12.41 5.99 -30.05
N LEU B 134 -11.93 5.15 -29.13
CA LEU B 134 -10.69 5.41 -28.43
C LEU B 134 -9.56 5.57 -29.44
N GLU B 135 -8.73 6.59 -29.25
CA GLU B 135 -7.59 6.80 -30.13
C GLU B 135 -6.34 6.18 -29.52
N LEU B 136 -5.60 5.47 -30.37
CA LEU B 136 -4.49 4.61 -29.93
C LEU B 136 -3.18 5.05 -30.52
N GLN B 137 -2.13 4.81 -29.75
CA GLN B 137 -0.74 5.03 -30.12
C GLN B 137 -0.07 3.69 -29.94
N GLY B 138 0.73 3.29 -30.94
CA GLY B 138 1.46 2.03 -30.86
C GLY B 138 2.80 2.22 -30.19
N VAL B 139 3.13 1.29 -29.28
CA VAL B 139 4.49 1.14 -28.73
C VAL B 139 4.81 -0.36 -28.62
N LEU B 140 5.98 -0.74 -29.11
CA LEU B 140 6.35 -2.15 -29.19
C LEU B 140 7.46 -2.45 -28.21
N PHE B 141 7.29 -3.54 -27.46
CA PHE B 141 8.39 -4.06 -26.67
C PHE B 141 9.60 -4.38 -27.53
N ASN B 142 9.36 -5.00 -28.69
CA ASN B 142 10.39 -5.47 -29.60
C ASN B 142 9.86 -5.20 -31.01
N TYR B 143 10.52 -4.30 -31.74
CA TYR B 143 9.98 -3.83 -33.02
C TYR B 143 9.99 -4.94 -34.06
N ARG B 144 10.82 -5.95 -33.84
CA ARG B 144 10.92 -7.07 -34.77
C ARG B 144 9.89 -8.18 -34.52
N THR B 145 9.02 -8.00 -33.53
CA THR B 145 7.95 -8.99 -33.32
C THR B 145 7.08 -9.06 -34.57
N LYS B 146 6.84 -10.28 -35.05
CA LYS B 146 5.97 -10.51 -36.19
C LYS B 146 4.55 -10.77 -35.69
N TYR B 147 3.65 -9.81 -35.87
CA TYR B 147 2.28 -9.96 -35.36
C TYR B 147 1.40 -10.74 -36.34
N PRO B 148 0.49 -11.56 -35.82
CA PRO B 148 -0.18 -12.52 -36.68
C PRO B 148 -1.32 -11.97 -37.52
N ASP B 149 -1.64 -12.68 -38.59
CA ASP B 149 -2.80 -12.40 -39.44
C ASP B 149 -4.05 -12.38 -38.60
N GLY B 150 -4.90 -11.39 -38.89
CA GLY B 150 -6.16 -11.22 -38.19
C GLY B 150 -6.08 -10.25 -37.03
N THR B 151 -4.87 -9.76 -36.70
CA THR B 151 -4.74 -8.69 -35.71
C THR B 151 -4.40 -7.37 -36.43
N ILE B 152 -4.69 -6.24 -35.79
CA ILE B 152 -4.33 -4.94 -36.34
C ILE B 152 -3.27 -4.37 -35.42
N PHE B 153 -2.11 -4.09 -35.99
CA PHE B 153 -0.89 -3.81 -35.22
C PHE B 153 -0.07 -2.71 -35.89
N PRO B 154 0.94 -2.16 -35.18
CA PRO B 154 1.73 -1.09 -35.78
C PRO B 154 2.47 -1.55 -37.04
N LYS B 155 2.25 -0.85 -38.15
CA LYS B 155 2.88 -1.15 -39.43
C LYS B 155 4.14 -0.30 -39.64
N ASN B 156 5.03 -0.78 -40.51
CA ASN B 156 6.33 -0.14 -40.75
C ASN B 156 7.11 0.13 -39.47
N ALA B 157 7.15 -0.85 -38.57
CA ALA B 157 7.85 -0.68 -37.29
C ALA B 157 9.33 -0.47 -37.55
N THR B 158 9.94 0.41 -36.77
CA THR B 158 11.38 0.60 -36.77
C THR B 158 11.81 0.48 -35.31
N VAL B 159 13.11 0.54 -35.07
CA VAL B 159 13.63 0.50 -33.72
C VAL B 159 13.11 1.64 -32.83
N GLN B 160 12.76 2.77 -33.44
CA GLN B 160 12.16 3.88 -32.71
C GLN B 160 10.76 3.54 -32.19
N SER B 161 10.09 2.58 -32.83
CA SER B 161 8.82 2.07 -32.35
C SER B 161 8.89 1.45 -30.94
N GLN B 162 10.11 1.13 -30.46
CA GLN B 162 10.30 0.62 -29.11
C GLN B 162 10.16 1.71 -28.03
N VAL B 163 10.23 3.00 -28.44
CA VAL B 163 10.06 4.12 -27.51
C VAL B 163 8.95 5.11 -27.92
N MET B 164 8.96 5.57 -29.17
CA MET B 164 7.88 6.42 -29.70
C MET B 164 8.03 6.66 -31.19
N ASN B 165 7.11 6.11 -31.97
CA ASN B 165 7.03 6.36 -33.40
C ASN B 165 5.62 6.91 -33.66
N THR B 166 5.54 8.17 -34.05
CA THR B 166 4.24 8.85 -34.22
C THR B 166 3.49 8.43 -35.45
N GLU B 167 4.07 7.58 -36.29
CA GLU B 167 3.32 6.92 -37.35
C GLU B 167 2.25 5.96 -36.83
N HIS B 168 2.45 5.35 -35.64
CA HIS B 168 1.53 4.30 -35.18
C HIS B 168 0.26 4.85 -34.50
N LYS B 169 -0.64 5.43 -35.30
CA LYS B 169 -1.94 5.95 -34.82
C LYS B 169 -3.06 5.04 -35.31
N ALA B 170 -4.09 4.86 -34.50
CA ALA B 170 -5.22 4.02 -34.88
C ALA B 170 -6.43 4.32 -34.03
N TYR B 171 -7.56 3.80 -34.47
CA TYR B 171 -8.81 3.88 -33.74
C TYR B 171 -9.18 2.49 -33.24
N LEU B 172 -9.62 2.40 -32.00
CA LEU B 172 -10.11 1.14 -31.47
C LEU B 172 -11.50 0.93 -32.02
N ASP B 173 -11.58 0.40 -33.23
CA ASP B 173 -12.80 0.37 -34.02
C ASP B 173 -13.22 -1.06 -34.39
N LYS B 174 -12.68 -2.05 -33.69
CA LYS B 174 -12.97 -3.43 -34.01
C LYS B 174 -12.60 -4.31 -32.83
N ASN B 175 -13.48 -5.25 -32.52
CA ASN B 175 -13.32 -6.14 -31.38
C ASN B 175 -12.42 -7.30 -31.82
N LYS B 176 -11.71 -7.93 -30.88
CA LYS B 176 -10.85 -9.09 -31.22
C LYS B 176 -9.75 -8.79 -32.23
N ALA B 177 -9.24 -7.55 -32.24
CA ALA B 177 -8.34 -7.16 -33.32
C ALA B 177 -7.06 -6.46 -32.86
N TYR B 178 -7.18 -5.60 -31.87
CA TYR B 178 -6.06 -4.74 -31.45
C TYR B 178 -5.37 -5.35 -30.21
N PRO B 179 -4.15 -5.92 -30.39
CA PRO B 179 -3.52 -6.59 -29.26
C PRO B 179 -3.13 -5.61 -28.15
N VAL B 180 -3.36 -6.03 -26.91
CA VAL B 180 -3.13 -5.17 -25.76
C VAL B 180 -1.66 -4.68 -25.72
N GLU B 181 -0.73 -5.61 -25.99
CA GLU B 181 0.70 -5.34 -25.82
C GLU B 181 1.30 -4.34 -26.82
N CYS B 182 0.58 -4.05 -27.91
CA CYS B 182 1.02 -3.13 -28.98
C CYS B 182 0.48 -1.73 -28.87
N TRP B 183 -0.62 -1.54 -28.16
CA TRP B 183 -1.37 -0.30 -28.23
C TRP B 183 -1.69 0.23 -26.85
N VAL B 184 -1.62 1.56 -26.73
CA VAL B 184 -2.10 2.29 -25.56
C VAL B 184 -2.95 3.48 -26.00
N PRO B 185 -3.79 4.00 -25.11
CA PRO B 185 -4.48 5.26 -25.42
C PRO B 185 -3.49 6.35 -25.77
N ASP B 186 -3.77 7.09 -26.85
CA ASP B 186 -2.92 8.19 -27.30
C ASP B 186 -3.18 9.44 -26.45
N PRO B 187 -2.19 9.82 -25.62
CA PRO B 187 -2.43 10.97 -24.74
C PRO B 187 -2.39 12.31 -25.47
N THR B 188 -1.95 12.32 -26.74
CA THR B 188 -1.96 13.55 -27.54
C THR B 188 -3.34 13.79 -28.13
N ARG B 189 -4.24 12.81 -28.04
CA ARG B 189 -5.58 12.96 -28.57
C ARG B 189 -6.59 12.61 -27.46
N ASN B 190 -7.71 11.95 -27.81
CA ASN B 190 -8.75 11.54 -26.86
C ASN B 190 -9.39 12.67 -26.03
N GLU B 191 -9.54 13.85 -26.63
CA GLU B 191 -10.21 14.96 -25.94
C GLU B 191 -11.66 14.63 -25.62
N ASN B 192 -12.27 13.74 -26.40
CA ASN B 192 -13.69 13.40 -26.25
C ASN B 192 -13.91 12.01 -25.62
N THR B 193 -12.92 11.56 -24.85
CA THR B 193 -12.96 10.27 -24.16
C THR B 193 -12.35 10.46 -22.78
N ARG B 194 -12.80 9.68 -21.82
CA ARG B 194 -12.15 9.61 -20.52
C ARG B 194 -11.68 8.18 -20.33
N TYR B 195 -10.40 8.01 -20.03
CA TYR B 195 -9.79 6.68 -19.93
C TYR B 195 -8.99 6.53 -18.66
N PHE B 196 -8.95 5.28 -18.17
CA PHE B 196 -8.35 4.94 -16.88
C PHE B 196 -7.78 3.52 -16.98
N GLY B 197 -6.49 3.37 -16.67
CA GLY B 197 -5.88 2.03 -16.64
C GLY B 197 -4.68 1.87 -15.71
N THR B 198 -4.45 0.64 -15.27
CA THR B 198 -3.31 0.29 -14.43
C THR B 198 -2.68 -1.04 -14.89
N LEU B 199 -1.36 -0.97 -15.09
CA LEU B 199 -0.54 -2.12 -15.41
C LEU B 199 0.20 -2.44 -14.14
N THR B 200 0.01 -3.65 -13.65
CA THR B 200 0.76 -4.18 -12.53
C THR B 200 1.56 -5.38 -13.02
N GLY B 201 2.87 -5.21 -13.18
CA GLY B 201 3.74 -6.25 -13.77
C GLY B 201 4.42 -7.12 -12.72
N GLY B 202 4.97 -8.24 -13.11
CA GLY B 202 5.72 -9.07 -12.15
C GLY B 202 5.02 -10.39 -12.08
N GLU B 203 5.77 -11.50 -12.06
CA GLU B 203 5.13 -12.79 -12.25
C GLU B 203 4.35 -13.28 -11.05
N ASN B 204 4.52 -12.70 -9.87
CA ASN B 204 3.87 -13.21 -8.66
C ASN B 204 2.88 -12.23 -8.05
N VAL B 205 2.58 -11.18 -8.80
CA VAL B 205 1.69 -10.15 -8.33
C VAL B 205 0.28 -10.71 -8.05
N PRO B 206 -0.27 -10.45 -6.84
CA PRO B 206 -1.60 -10.90 -6.50
C PRO B 206 -2.71 -10.05 -7.12
N PRO B 207 -3.73 -10.65 -7.72
CA PRO B 207 -4.92 -9.88 -8.08
C PRO B 207 -5.55 -9.22 -6.83
N VAL B 208 -5.85 -7.93 -6.93
CA VAL B 208 -6.61 -7.22 -5.91
C VAL B 208 -7.80 -6.60 -6.64
N LEU B 209 -8.96 -7.19 -6.45
CA LEU B 209 -10.16 -6.80 -7.21
C LEU B 209 -11.28 -6.42 -6.25
N HIS B 210 -11.69 -5.16 -6.33
CA HIS B 210 -12.72 -4.58 -5.47
C HIS B 210 -14.04 -4.50 -6.22
N ILE B 211 -15.13 -4.88 -5.57
CA ILE B 211 -16.49 -4.72 -6.10
C ILE B 211 -17.36 -3.92 -5.11
N THR B 212 -18.22 -3.06 -5.66
CA THR B 212 -19.26 -2.35 -4.91
C THR B 212 -20.23 -1.67 -5.89
N ASN B 213 -21.50 -1.54 -5.51
CA ASN B 213 -22.46 -0.74 -6.28
C ASN B 213 -22.66 0.67 -5.72
N THR B 214 -21.68 1.17 -4.96
CA THR B 214 -21.82 2.48 -4.33
C THR B 214 -20.82 3.51 -4.86
N ALA B 215 -20.04 3.16 -5.87
CA ALA B 215 -18.99 4.03 -6.39
C ALA B 215 -19.36 4.55 -7.79
N THR B 216 -19.18 5.85 -7.97
CA THR B 216 -19.51 6.53 -9.22
C THR B 216 -18.30 7.34 -9.66
N THR B 217 -18.00 7.32 -10.96
CA THR B 217 -16.98 8.20 -11.50
C THR B 217 -17.66 9.28 -12.32
N VAL B 218 -17.34 10.54 -12.05
CA VAL B 218 -17.92 11.64 -12.81
C VAL B 218 -17.04 11.83 -14.05
N LEU B 219 -17.68 12.04 -15.21
CA LEU B 219 -16.98 12.06 -16.50
C LEU B 219 -16.81 13.46 -17.07
N LEU B 220 -17.28 14.45 -16.32
CA LEU B 220 -17.18 15.84 -16.74
C LEU B 220 -15.73 16.29 -16.68
N ASP B 221 -15.33 17.12 -17.62
CA ASP B 221 -14.00 17.71 -17.55
C ASP B 221 -13.98 18.95 -16.65
N GLU B 222 -12.84 19.64 -16.64
CA GLU B 222 -12.65 20.78 -15.77
C GLU B 222 -13.59 21.94 -16.10
N PHE B 223 -14.24 21.92 -17.27
CA PHE B 223 -15.22 22.93 -17.64
C PHE B 223 -16.66 22.45 -17.46
N GLY B 224 -16.85 21.24 -16.94
CA GLY B 224 -18.17 20.69 -16.70
C GLY B 224 -18.78 19.99 -17.91
N VAL B 225 -17.94 19.57 -18.87
CA VAL B 225 -18.40 18.96 -20.12
C VAL B 225 -17.92 17.52 -20.20
N GLY B 226 -18.85 16.60 -20.41
CA GLY B 226 -18.51 15.19 -20.56
C GLY B 226 -18.35 14.82 -22.01
N PRO B 227 -17.97 13.57 -22.30
CA PRO B 227 -17.93 13.11 -23.69
C PRO B 227 -19.24 13.40 -24.44
N LEU B 228 -19.12 13.88 -25.67
CA LEU B 228 -20.25 14.22 -26.50
C LEU B 228 -20.36 13.20 -27.64
N CYS B 229 -21.50 12.52 -27.72
CA CYS B 229 -21.65 11.31 -28.55
C CYS B 229 -21.96 11.60 -30.01
N LYS B 230 -20.92 11.62 -30.83
CA LYS B 230 -21.07 11.89 -32.25
C LYS B 230 -21.90 10.80 -32.93
N GLY B 231 -22.87 11.20 -33.73
CA GLY B 231 -23.76 10.25 -34.39
C GLY B 231 -24.64 9.45 -33.44
N ASP B 232 -24.83 9.95 -32.22
CA ASP B 232 -25.61 9.23 -31.20
C ASP B 232 -25.04 7.83 -30.91
N ASN B 233 -23.71 7.75 -30.81
CA ASN B 233 -23.04 6.51 -30.41
C ASN B 233 -22.15 6.75 -29.21
N LEU B 234 -22.22 5.82 -28.26
CA LEU B 234 -21.39 5.81 -27.09
C LEU B 234 -20.36 4.69 -27.24
N TYR B 235 -19.09 5.00 -27.01
CA TYR B 235 -18.02 4.02 -27.14
C TYR B 235 -17.49 3.60 -25.79
N LEU B 236 -17.62 2.31 -25.49
CA LEU B 236 -17.08 1.73 -24.28
C LEU B 236 -15.92 0.80 -24.61
N SER B 237 -14.82 0.92 -23.88
CA SER B 237 -13.65 0.07 -24.10
C SER B 237 -13.12 -0.44 -22.77
N ALA B 238 -12.52 -1.63 -22.82
CA ALA B 238 -12.07 -2.35 -21.62
C ALA B 238 -10.93 -3.34 -21.91
N VAL B 239 -10.05 -3.48 -20.94
CA VAL B 239 -9.17 -4.64 -20.84
C VAL B 239 -9.14 -5.07 -19.38
N ASP B 240 -9.33 -6.36 -19.12
CA ASP B 240 -9.17 -6.89 -17.77
C ASP B 240 -8.46 -8.24 -17.81
N VAL B 241 -7.16 -8.17 -18.08
CA VAL B 241 -6.27 -9.32 -17.94
C VAL B 241 -5.96 -9.41 -16.46
N CYS B 242 -6.39 -10.49 -15.81
CA CYS B 242 -6.30 -10.56 -14.36
C CYS B 242 -4.98 -11.16 -13.90
N GLY B 243 -4.28 -11.82 -14.81
CA GLY B 243 -3.07 -12.54 -14.49
C GLY B 243 -3.00 -13.79 -15.34
N MET B 244 -2.20 -14.75 -14.92
CA MET B 244 -2.08 -16.01 -15.62
C MET B 244 -2.48 -17.20 -14.75
N PHE B 245 -3.15 -18.17 -15.37
CA PHE B 245 -3.40 -19.47 -14.76
C PHE B 245 -2.27 -20.40 -15.10
N THR B 246 -1.75 -21.09 -14.08
CA THR B 246 -0.69 -22.08 -14.26
C THR B 246 -1.26 -23.52 -14.23
N ASN B 247 -1.10 -24.23 -15.33
CA ASN B 247 -1.50 -25.64 -15.41
C ASN B 247 -0.54 -26.54 -14.64
N ARG B 248 -0.98 -27.76 -14.37
CA ARG B 248 -0.15 -28.76 -13.72
C ARG B 248 1.20 -28.89 -14.39
N SER B 249 1.19 -28.93 -15.72
CA SER B 249 2.43 -29.05 -16.51
C SER B 249 3.37 -27.87 -16.32
N GLY B 250 2.86 -26.75 -15.81
CA GLY B 250 3.66 -25.54 -15.68
C GLY B 250 3.38 -24.52 -16.78
N SER B 251 2.60 -24.89 -17.78
CA SER B 251 2.27 -23.95 -18.88
C SER B 251 1.30 -22.89 -18.34
N GLN B 252 1.36 -21.70 -18.93
CA GLN B 252 0.61 -20.57 -18.38
C GLN B 252 -0.22 -19.89 -19.45
N GLN B 253 -1.43 -19.51 -19.07
CA GLN B 253 -2.41 -18.87 -19.97
C GLN B 253 -2.95 -17.62 -19.31
N TRP B 254 -3.12 -16.57 -20.10
CA TRP B 254 -3.78 -15.37 -19.60
C TRP B 254 -5.23 -15.72 -19.26
N ARG B 255 -5.74 -15.13 -18.17
CA ARG B 255 -7.17 -15.23 -17.84
C ARG B 255 -7.77 -13.84 -17.67
N GLY B 256 -8.89 -13.57 -18.34
CA GLY B 256 -9.62 -12.34 -18.17
C GLY B 256 -11.07 -12.49 -17.70
N LEU B 257 -11.66 -11.35 -17.32
CA LEU B 257 -13.05 -11.30 -16.91
C LEU B 257 -13.80 -10.16 -17.61
N SER B 258 -15.12 -10.27 -17.66
CA SER B 258 -15.98 -9.23 -18.21
C SER B 258 -16.03 -7.99 -17.30
N ARG B 259 -16.47 -6.87 -17.88
CA ARG B 259 -16.60 -5.61 -17.16
C ARG B 259 -17.97 -5.02 -17.40
N TYR B 260 -18.61 -4.64 -16.30
CA TYR B 260 -19.92 -4.01 -16.29
C TYR B 260 -19.72 -2.52 -16.46
N PHE B 261 -20.60 -1.88 -17.23
CA PHE B 261 -20.64 -0.43 -17.40
C PHE B 261 -22.08 0.05 -17.20
N LYS B 262 -22.29 1.06 -16.37
CA LYS B 262 -23.55 1.81 -16.39
C LYS B 262 -23.25 3.30 -16.56
N VAL B 263 -23.74 3.89 -17.65
CA VAL B 263 -23.49 5.30 -17.96
C VAL B 263 -24.78 6.11 -17.99
N GLN B 264 -24.75 7.28 -17.34
CA GLN B 264 -25.84 8.22 -17.37
C GLN B 264 -25.52 9.34 -18.35
N LEU B 265 -26.47 9.65 -19.22
CA LEU B 265 -26.30 10.70 -20.25
C LEU B 265 -27.42 11.70 -20.20
N ARG B 266 -27.11 12.92 -20.61
CA ARG B 266 -28.08 14.00 -20.68
C ARG B 266 -27.96 14.67 -22.03
N LYS B 267 -29.03 15.29 -22.51
CA LYS B 267 -28.99 15.97 -23.79
C LYS B 267 -28.33 17.33 -23.66
N ARG B 268 -27.46 17.68 -24.60
CA ARG B 268 -26.76 18.93 -24.58
C ARG B 268 -26.76 19.65 -25.94
N ARG B 269 -27.08 20.94 -25.93
CA ARG B 269 -27.10 21.71 -27.18
C ARG B 269 -25.69 22.20 -27.51
N VAL B 270 -25.33 22.11 -28.79
CA VAL B 270 -24.06 22.61 -29.30
C VAL B 270 -24.30 23.44 -30.56
N LYS B 271 -23.41 24.39 -30.86
CA LYS B 271 -23.54 25.25 -32.06
C LYS B 271 -22.70 24.71 -33.22
N GLU C 8 -42.19 5.98 -5.01
CA GLU C 8 -42.33 7.34 -4.40
C GLU C 8 -41.93 7.29 -2.92
N VAL C 9 -40.72 7.75 -2.63
CA VAL C 9 -40.23 7.86 -1.28
C VAL C 9 -40.63 9.23 -0.76
N LEU C 10 -41.28 9.30 0.40
CA LEU C 10 -41.67 10.57 0.99
C LEU C 10 -40.80 10.89 2.22
N GLU C 11 -41.36 11.53 3.25
CA GLU C 11 -40.54 12.00 4.36
C GLU C 11 -40.19 10.93 5.39
N VAL C 12 -39.12 11.20 6.15
CA VAL C 12 -38.74 10.38 7.29
C VAL C 12 -39.63 10.70 8.50
N LYS C 13 -40.11 9.67 9.18
CA LYS C 13 -40.87 9.89 10.42
C LYS C 13 -39.85 10.13 11.53
N THR C 14 -40.14 11.10 12.40
CA THR C 14 -39.24 11.42 13.53
C THR C 14 -39.88 11.05 14.87
N GLY C 15 -39.18 11.35 15.96
CA GLY C 15 -39.64 11.01 17.32
C GLY C 15 -38.86 9.79 17.80
N VAL C 16 -38.85 9.60 19.12
CA VAL C 16 -38.10 8.51 19.77
C VAL C 16 -38.53 7.13 19.23
N ASP C 17 -39.83 6.99 18.96
CA ASP C 17 -40.44 5.76 18.42
C ASP C 17 -40.02 5.36 16.97
N SER C 18 -39.20 6.18 16.32
CA SER C 18 -39.03 6.14 14.87
C SER C 18 -37.74 5.51 14.38
N ILE C 19 -36.89 5.07 15.29
CA ILE C 19 -35.63 4.44 14.95
C ILE C 19 -35.52 3.07 15.61
N THR C 20 -34.72 2.19 15.03
CA THR C 20 -34.47 0.89 15.61
C THR C 20 -33.08 0.44 15.18
N GLU C 21 -32.58 -0.60 15.81
CA GLU C 21 -31.23 -1.03 15.60
C GLU C 21 -31.20 -2.54 15.51
N VAL C 22 -30.46 -3.07 14.55
CA VAL C 22 -30.26 -4.52 14.43
C VAL C 22 -28.78 -4.79 14.65
N GLU C 23 -28.51 -5.77 15.49
CA GLU C 23 -27.15 -6.13 15.81
C GLU C 23 -27.03 -7.64 15.78
N CYS C 24 -26.05 -8.17 15.06
CA CYS C 24 -25.89 -9.61 14.97
C CYS C 24 -24.55 -10.05 14.35
N PHE C 25 -24.33 -11.36 14.35
CA PHE C 25 -23.13 -11.93 13.74
C PHE C 25 -23.55 -13.01 12.78
N LEU C 26 -22.91 -13.02 11.60
CA LEU C 26 -23.08 -14.08 10.63
C LEU C 26 -21.89 -15.02 10.71
N THR C 27 -22.14 -16.30 10.91
CA THR C 27 -21.07 -17.30 10.94
C THR C 27 -20.68 -17.70 9.52
N PRO C 28 -19.40 -18.09 9.35
CA PRO C 28 -18.94 -18.45 8.04
C PRO C 28 -19.38 -19.85 7.66
N GLU C 29 -19.40 -20.12 6.37
CA GLU C 29 -19.80 -21.45 5.89
C GLU C 29 -18.76 -21.94 4.89
N MET C 30 -17.73 -22.57 5.44
CA MET C 30 -16.52 -22.91 4.70
C MET C 30 -16.49 -24.35 4.17
N GLY C 31 -17.40 -25.19 4.69
CA GLY C 31 -17.50 -26.57 4.25
C GLY C 31 -17.76 -27.56 5.37
N ASP C 32 -17.12 -27.31 6.53
CA ASP C 32 -17.34 -28.08 7.75
C ASP C 32 -17.22 -29.58 7.48
N PRO C 33 -16.00 -30.05 7.15
CA PRO C 33 -15.84 -31.44 6.73
C PRO C 33 -16.15 -32.50 7.80
N ASP C 34 -16.07 -32.16 9.09
CA ASP C 34 -16.52 -33.06 10.15
C ASP C 34 -16.99 -32.25 11.37
N GLU C 35 -17.41 -32.98 12.40
CA GLU C 35 -17.95 -32.42 13.63
C GLU C 35 -17.00 -31.51 14.41
N HIS C 36 -15.69 -31.60 14.12
CA HIS C 36 -14.69 -30.80 14.82
C HIS C 36 -14.20 -29.58 14.04
N LEU C 37 -14.65 -29.40 12.81
CA LEU C 37 -13.96 -28.50 11.88
C LEU C 37 -14.82 -27.36 11.34
N ARG C 38 -15.73 -26.89 12.17
CA ARG C 38 -16.49 -25.69 11.85
C ARG C 38 -15.53 -24.50 11.60
N GLY C 39 -15.76 -23.76 10.52
CA GLY C 39 -14.88 -22.63 10.14
C GLY C 39 -13.81 -22.99 9.11
N PHE C 40 -13.69 -24.28 8.83
CA PHE C 40 -12.71 -24.84 7.90
C PHE C 40 -13.41 -25.58 6.74
N SER C 41 -12.75 -25.64 5.59
CA SER C 41 -13.16 -26.54 4.52
C SER C 41 -12.48 -27.90 4.62
N LYS C 42 -12.96 -28.84 3.83
CA LYS C 42 -12.21 -30.05 3.54
C LYS C 42 -10.89 -29.67 2.88
N SER C 43 -9.85 -30.49 3.07
CA SER C 43 -8.59 -30.24 2.38
CA SER C 43 -8.59 -30.25 2.38
C SER C 43 -8.82 -30.21 0.87
N ILE C 44 -8.13 -29.31 0.19
CA ILE C 44 -8.33 -29.10 -1.23
C ILE C 44 -7.58 -30.16 -2.04
N SER C 45 -8.27 -30.86 -2.93
CA SER C 45 -7.62 -31.75 -3.90
C SER C 45 -7.68 -31.14 -5.28
N ILE C 46 -6.83 -31.62 -6.17
CA ILE C 46 -6.71 -31.07 -7.52
C ILE C 46 -7.12 -32.15 -8.53
N SER C 47 -8.00 -31.80 -9.47
CA SER C 47 -8.43 -32.76 -10.51
C SER C 47 -7.26 -33.14 -11.40
N ASP C 48 -7.36 -34.31 -12.01
CA ASP C 48 -6.29 -34.90 -12.83
C ASP C 48 -6.26 -34.29 -14.22
N THR C 49 -7.41 -33.78 -14.65
CA THR C 49 -7.55 -33.08 -15.91
C THR C 49 -8.40 -31.85 -15.65
N PHE C 50 -8.32 -30.88 -16.57
CA PHE C 50 -9.14 -29.68 -16.48
C PHE C 50 -10.63 -30.01 -16.59
N GLU C 51 -10.94 -30.82 -17.59
CA GLU C 51 -12.30 -31.27 -17.85
C GLU C 51 -12.97 -32.03 -16.67
N SER C 52 -12.18 -32.68 -15.82
CA SER C 52 -12.73 -33.54 -14.76
C SER C 52 -12.85 -32.87 -13.39
N ASP C 53 -12.73 -31.55 -13.33
CA ASP C 53 -12.91 -30.78 -12.10
C ASP C 53 -14.25 -31.12 -11.46
N SER C 54 -14.21 -31.64 -10.24
CA SER C 54 -15.40 -32.13 -9.54
CA SER C 54 -15.40 -32.15 -9.54
C SER C 54 -15.27 -31.90 -8.03
N PRO C 55 -15.36 -30.64 -7.59
CA PRO C 55 -15.09 -30.43 -6.18
C PRO C 55 -16.18 -31.01 -5.27
N ASN C 56 -15.76 -31.60 -4.15
CA ASN C 56 -16.72 -32.03 -3.12
C ASN C 56 -17.37 -30.84 -2.40
N ARG C 57 -18.59 -31.05 -1.93
CA ARG C 57 -19.37 -30.02 -1.26
C ARG C 57 -18.62 -29.36 -0.09
N ASP C 58 -18.03 -30.18 0.78
CA ASP C 58 -17.37 -29.64 1.95
C ASP C 58 -16.00 -29.00 1.62
N MET C 59 -15.64 -28.99 0.35
CA MET C 59 -14.46 -28.27 -0.11
C MET C 59 -14.77 -26.86 -0.61
N LEU C 60 -16.05 -26.52 -0.69
CA LEU C 60 -16.50 -25.25 -1.29
C LEU C 60 -17.12 -24.27 -0.29
N PRO C 61 -16.38 -23.18 0.02
CA PRO C 61 -17.02 -22.10 0.81
C PRO C 61 -18.25 -21.56 0.10
N CYS C 62 -19.24 -21.14 0.88
CA CYS C 62 -20.48 -20.58 0.37
C CYS C 62 -20.75 -19.21 0.99
N TYR C 63 -21.64 -18.46 0.35
CA TYR C 63 -22.11 -17.18 0.88
C TYR C 63 -22.92 -17.45 2.12
N SER C 64 -22.81 -16.57 3.12
CA SER C 64 -23.67 -16.57 4.30
C SER C 64 -24.75 -15.51 4.11
N VAL C 65 -25.91 -15.77 4.69
CA VAL C 65 -27.02 -14.83 4.65
C VAL C 65 -27.87 -14.97 5.89
N ALA C 66 -28.34 -13.84 6.40
CA ALA C 66 -29.34 -13.81 7.48
C ALA C 66 -30.45 -12.84 7.12
N ARG C 67 -31.69 -13.29 7.32
CA ARG C 67 -32.86 -12.43 7.18
C ARG C 67 -33.33 -12.10 8.59
N ILE C 68 -33.18 -10.84 8.99
CA ILE C 68 -33.56 -10.38 10.33
C ILE C 68 -34.92 -9.69 10.28
N PRO C 69 -35.90 -10.23 11.03
CA PRO C 69 -37.22 -9.57 11.15
C PRO C 69 -37.13 -8.27 11.95
N LEU C 70 -37.90 -7.27 11.55
CA LEU C 70 -37.85 -5.94 12.17
C LEU C 70 -39.19 -5.66 12.83
N PRO C 71 -39.25 -4.61 13.68
CA PRO C 71 -40.55 -4.33 14.31
C PRO C 71 -41.63 -4.14 13.27
N ASN C 72 -42.76 -4.79 13.52
CA ASN C 72 -43.85 -4.80 12.57
C ASN C 72 -44.46 -3.42 12.40
N LEU C 73 -44.53 -2.98 11.16
CA LEU C 73 -45.20 -1.73 10.80
C LEU C 73 -46.55 -2.05 10.15
N ILE C 82 -48.36 3.89 4.18
CA ILE C 82 -47.34 2.85 4.26
C ILE C 82 -46.01 3.36 4.80
N LEU C 83 -45.50 2.68 5.83
CA LEU C 83 -44.15 2.92 6.34
C LEU C 83 -43.25 1.71 6.12
N MET C 84 -41.98 1.96 5.81
CA MET C 84 -40.96 0.94 5.68
C MET C 84 -39.74 1.38 6.45
N TRP C 85 -39.03 0.40 7.02
CA TRP C 85 -37.77 0.66 7.68
C TRP C 85 -36.71 0.91 6.61
N GLU C 86 -35.94 1.96 6.81
CA GLU C 86 -34.86 2.35 5.91
C GLU C 86 -33.55 2.20 6.63
N ALA C 87 -32.64 1.41 6.06
CA ALA C 87 -31.32 1.17 6.64
C ALA C 87 -30.40 2.34 6.29
N VAL C 88 -29.82 2.96 7.31
CA VAL C 88 -29.10 4.23 7.15
C VAL C 88 -27.59 4.08 7.37
N THR C 89 -27.20 3.35 8.41
CA THR C 89 -25.77 3.16 8.69
C THR C 89 -25.44 1.72 9.04
N LEU C 90 -24.16 1.40 8.89
CA LEU C 90 -23.61 0.09 9.14
C LEU C 90 -22.28 0.21 9.88
N LYS C 91 -22.11 -0.59 10.92
CA LYS C 91 -20.80 -0.88 11.48
C LYS C 91 -20.59 -2.35 11.29
N THR C 92 -19.39 -2.73 10.88
CA THR C 92 -19.10 -4.12 10.61
C THR C 92 -17.62 -4.39 10.83
N GLU C 93 -17.31 -5.65 11.15
CA GLU C 93 -15.95 -6.13 11.28
C GLU C 93 -15.88 -7.66 11.43
N VAL C 94 -14.72 -8.22 11.11
CA VAL C 94 -14.45 -9.64 11.29
C VAL C 94 -14.22 -9.95 12.78
N ILE C 95 -14.85 -11.01 13.28
CA ILE C 95 -14.79 -11.39 14.68
C ILE C 95 -13.83 -12.58 14.90
N GLY C 96 -12.78 -12.35 15.68
CA GLY C 96 -11.80 -13.38 16.04
C GLY C 96 -10.53 -13.34 15.21
N VAL C 97 -10.10 -12.14 14.81
CA VAL C 97 -8.92 -12.00 13.97
C VAL C 97 -7.68 -12.57 14.64
N THR C 98 -7.60 -12.46 15.96
CA THR C 98 -6.42 -12.91 16.68
C THR C 98 -6.25 -14.41 16.70
N SER C 99 -7.31 -15.17 16.44
CA SER C 99 -7.24 -16.62 16.39
C SER C 99 -6.23 -17.09 15.36
N LEU C 100 -5.95 -16.26 14.34
CA LEU C 100 -5.00 -16.60 13.29
C LEU C 100 -3.56 -16.52 13.74
N MET C 101 -3.34 -16.17 15.01
CA MET C 101 -2.01 -16.19 15.60
C MET C 101 -1.68 -17.56 16.20
N ASN C 102 -2.63 -18.52 16.13
CA ASN C 102 -2.31 -19.86 16.55
C ASN C 102 -1.43 -20.49 15.50
N VAL C 103 -0.13 -20.56 15.78
CA VAL C 103 0.85 -21.15 14.87
C VAL C 103 1.50 -22.40 15.48
N HIS C 104 0.81 -23.03 16.43
CA HIS C 104 1.34 -24.18 17.17
C HIS C 104 0.47 -25.46 17.03
N SER C 105 -0.61 -25.38 16.27
CA SER C 105 -1.58 -26.46 16.17
C SER C 105 -1.36 -27.36 14.95
N ASN C 106 -0.29 -28.14 15.00
CA ASN C 106 0.09 -29.12 13.99
C ASN C 106 0.12 -28.57 12.56
N GLY C 107 0.67 -27.37 12.40
CA GLY C 107 0.82 -26.76 11.08
C GLY C 107 2.11 -27.22 10.45
N GLN C 108 2.46 -26.60 9.32
CA GLN C 108 3.72 -26.91 8.67
C GLN C 108 4.78 -25.87 9.01
N ALA C 109 5.90 -26.35 9.54
CA ALA C 109 6.97 -25.47 9.96
C ALA C 109 7.54 -24.74 8.77
N THR C 110 7.74 -23.44 8.96
CA THR C 110 8.32 -22.59 7.93
C THR C 110 9.74 -23.02 7.55
N HIS C 111 10.47 -23.61 8.50
CA HIS C 111 11.82 -24.07 8.30
C HIS C 111 12.17 -24.92 9.52
N ASP C 112 13.29 -25.62 9.50
CA ASP C 112 13.63 -26.51 10.62
C ASP C 112 13.61 -25.78 11.96
N ASN C 113 12.80 -26.29 12.89
CA ASN C 113 12.62 -25.77 14.24
C ASN C 113 11.78 -24.51 14.33
N GLY C 114 11.23 -24.08 13.21
CA GLY C 114 10.40 -22.89 13.18
C GLY C 114 8.98 -23.13 13.64
N ALA C 115 8.25 -22.03 13.81
CA ALA C 115 6.84 -22.07 14.12
C ALA C 115 6.06 -22.51 12.89
N GLY C 116 4.77 -22.77 13.11
CA GLY C 116 3.86 -23.15 12.03
C GLY C 116 3.50 -22.00 11.10
N LYS C 117 3.36 -22.30 9.81
CA LYS C 117 2.96 -21.26 8.84
C LYS C 117 1.57 -20.77 9.22
N PRO C 118 1.35 -19.44 9.25
CA PRO C 118 0.03 -18.97 9.59
C PRO C 118 -0.93 -19.03 8.42
N VAL C 119 -2.22 -18.88 8.71
CA VAL C 119 -3.24 -18.75 7.67
C VAL C 119 -2.85 -17.62 6.73
N GLN C 120 -2.91 -17.90 5.44
CA GLN C 120 -2.52 -16.91 4.44
C GLN C 120 -3.00 -17.39 3.08
N GLY C 121 -2.85 -16.53 2.09
CA GLY C 121 -3.22 -16.88 0.72
C GLY C 121 -4.56 -16.27 0.33
N THR C 122 -5.11 -16.73 -0.77
CA THR C 122 -6.31 -16.14 -1.36
C THR C 122 -7.39 -15.86 -0.35
N SER C 123 -7.93 -14.64 -0.39
CA SER C 123 -8.99 -14.22 0.51
C SER C 123 -10.12 -13.55 -0.26
N PHE C 124 -11.34 -13.67 0.25
CA PHE C 124 -12.48 -12.89 -0.21
C PHE C 124 -13.22 -12.41 1.03
N HIS C 125 -13.33 -11.08 1.14
CA HIS C 125 -14.04 -10.39 2.22
C HIS C 125 -15.15 -9.54 1.61
N PHE C 126 -16.38 -9.85 2.01
CA PHE C 126 -17.57 -9.34 1.37
C PHE C 126 -18.71 -9.19 2.37
N PHE C 127 -19.46 -8.10 2.23
CA PHE C 127 -20.65 -7.88 3.04
C PHE C 127 -21.66 -7.02 2.28
N SER C 128 -22.94 -7.25 2.61
CA SER C 128 -24.01 -6.48 2.03
C SER C 128 -25.18 -6.31 2.98
N VAL C 129 -25.91 -5.21 2.79
CA VAL C 129 -27.09 -4.89 3.54
C VAL C 129 -28.19 -4.49 2.54
N GLY C 130 -29.34 -5.14 2.61
CA GLY C 130 -30.42 -4.81 1.67
C GLY C 130 -31.79 -4.99 2.26
N GLY C 131 -32.78 -4.40 1.59
CA GLY C 131 -34.16 -4.58 1.98
C GLY C 131 -34.84 -5.78 1.33
N GLU C 132 -34.03 -6.68 0.76
CA GLU C 132 -34.47 -7.91 0.08
C GLU C 132 -33.21 -8.74 -0.19
N ALA C 133 -33.38 -9.97 -0.68
CA ALA C 133 -32.25 -10.85 -0.92
C ALA C 133 -31.27 -10.23 -1.92
N LEU C 134 -29.98 -10.42 -1.65
CA LEU C 134 -28.92 -10.11 -2.60
C LEU C 134 -29.14 -10.88 -3.91
N GLU C 135 -29.02 -10.17 -5.03
CA GLU C 135 -29.14 -10.78 -6.34
C GLU C 135 -27.75 -11.17 -6.86
N LEU C 136 -27.66 -12.38 -7.39
CA LEU C 136 -26.38 -12.96 -7.81
C LEU C 136 -26.36 -13.21 -9.30
N GLN C 137 -25.17 -13.04 -9.87
CA GLN C 137 -24.88 -13.41 -11.26
C GLN C 137 -23.83 -14.51 -11.19
N GLY C 138 -24.03 -15.57 -11.97
CA GLY C 138 -23.06 -16.67 -12.04
C GLY C 138 -21.92 -16.46 -13.03
N VAL C 139 -20.70 -16.73 -12.59
CA VAL C 139 -19.55 -16.79 -13.48
C VAL C 139 -18.65 -17.96 -13.04
N LEU C 140 -18.22 -18.75 -14.03
CA LEU C 140 -17.46 -19.98 -13.78
C LEU C 140 -16.02 -19.88 -14.27
N PHE C 141 -15.10 -20.30 -13.42
CA PHE C 141 -13.71 -20.39 -13.84
C PHE C 141 -13.58 -21.40 -14.99
N ASN C 142 -14.28 -22.53 -14.85
CA ASN C 142 -14.22 -23.66 -15.78
C ASN C 142 -15.66 -24.16 -15.95
N TYR C 143 -16.24 -24.05 -17.16
CA TYR C 143 -17.65 -24.36 -17.35
C TYR C 143 -17.95 -25.85 -17.26
N ARG C 144 -16.92 -26.68 -17.37
CA ARG C 144 -17.06 -28.12 -17.29
C ARG C 144 -16.88 -28.62 -15.85
N THR C 145 -16.69 -27.70 -14.90
CA THR C 145 -16.64 -28.10 -13.50
C THR C 145 -17.97 -28.76 -13.12
N LYS C 146 -17.91 -29.93 -12.49
CA LYS C 146 -19.11 -30.53 -11.95
C LYS C 146 -19.31 -30.08 -10.50
N TYR C 147 -20.33 -29.25 -10.28
CA TYR C 147 -20.65 -28.82 -8.95
C TYR C 147 -21.53 -29.86 -8.24
N PRO C 148 -21.33 -30.04 -6.92
CA PRO C 148 -21.87 -31.21 -6.23
C PRO C 148 -23.27 -31.03 -5.69
N ASP C 149 -23.93 -32.18 -5.47
CA ASP C 149 -25.24 -32.22 -4.86
C ASP C 149 -25.24 -31.47 -3.54
N GLY C 150 -26.31 -30.74 -3.27
CA GLY C 150 -26.41 -29.93 -2.07
C GLY C 150 -25.95 -28.49 -2.27
N THR C 151 -25.35 -28.15 -3.41
CA THR C 151 -25.06 -26.74 -3.75
C THR C 151 -26.05 -26.25 -4.81
N ILE C 152 -26.19 -24.92 -4.92
CA ILE C 152 -26.98 -24.27 -5.96
C ILE C 152 -26.01 -23.50 -6.86
N PHE C 153 -25.92 -23.92 -8.10
CA PHE C 153 -24.86 -23.51 -9.01
C PHE C 153 -25.47 -23.12 -10.33
N PRO C 154 -24.70 -22.42 -11.18
CA PRO C 154 -25.18 -22.11 -12.52
C PRO C 154 -25.55 -23.37 -13.29
N LYS C 155 -26.78 -23.41 -13.81
CA LYS C 155 -27.32 -24.54 -14.56
C LYS C 155 -27.24 -24.28 -16.06
N ASN C 156 -27.19 -25.36 -16.84
CA ASN C 156 -27.02 -25.26 -18.28
C ASN C 156 -25.79 -24.44 -18.65
N ALA C 157 -24.68 -24.69 -17.94
CA ALA C 157 -23.41 -24.01 -18.19
C ALA C 157 -22.95 -24.23 -19.62
N THR C 158 -22.49 -23.17 -20.27
CA THR C 158 -21.82 -23.27 -21.56
C THR C 158 -20.43 -22.64 -21.42
N VAL C 159 -19.65 -22.68 -22.51
CA VAL C 159 -18.34 -22.03 -22.51
C VAL C 159 -18.46 -20.52 -22.24
N GLN C 160 -19.59 -19.93 -22.66
CA GLN C 160 -19.88 -18.53 -22.39
C GLN C 160 -19.99 -18.21 -20.91
N SER C 161 -20.40 -19.18 -20.11
CA SER C 161 -20.45 -19.04 -18.66
C SER C 161 -19.09 -18.69 -18.04
N GLN C 162 -18.00 -18.97 -18.77
CA GLN C 162 -16.65 -18.59 -18.31
C GLN C 162 -16.39 -17.08 -18.34
N VAL C 163 -17.26 -16.31 -19.00
CA VAL C 163 -17.11 -14.84 -19.05
C VAL C 163 -18.39 -14.06 -18.71
N MET C 164 -19.50 -14.43 -19.31
CA MET C 164 -20.82 -13.87 -18.97
C MET C 164 -21.92 -14.62 -19.69
N ASN C 165 -22.75 -15.32 -18.92
CA ASN C 165 -23.95 -15.97 -19.45
C ASN C 165 -25.11 -15.49 -18.60
N THR C 166 -25.91 -14.59 -19.17
CA THR C 166 -27.01 -13.92 -18.43
C THR C 166 -28.14 -14.85 -17.96
N GLU C 167 -28.11 -16.13 -18.35
CA GLU C 167 -29.05 -17.10 -17.78
C GLU C 167 -28.78 -17.36 -16.29
N HIS C 168 -27.55 -17.15 -15.82
CA HIS C 168 -27.20 -17.50 -14.45
C HIS C 168 -27.54 -16.41 -13.44
N LYS C 169 -28.83 -16.29 -13.12
CA LYS C 169 -29.33 -15.31 -12.15
C LYS C 169 -29.88 -16.04 -10.95
N ALA C 170 -29.69 -15.49 -9.75
CA ALA C 170 -30.22 -16.12 -8.56
C ALA C 170 -30.37 -15.14 -7.42
N TYR C 171 -31.07 -15.58 -6.37
CA TYR C 171 -31.18 -14.85 -5.11
C TYR C 171 -30.41 -15.59 -4.02
N LEU C 172 -29.63 -14.86 -3.23
CA LEU C 172 -28.98 -15.44 -2.07
C LEU C 172 -30.04 -15.64 -1.00
N ASP C 173 -30.72 -16.77 -1.08
CA ASP C 173 -31.94 -17.02 -0.28
C ASP C 173 -31.86 -18.30 0.56
N LYS C 174 -30.66 -18.85 0.69
CA LYS C 174 -30.45 -20.03 1.50
C LYS C 174 -28.99 -20.07 1.95
N ASN C 175 -28.78 -20.52 3.17
CA ASN C 175 -27.45 -20.75 3.69
C ASN C 175 -26.80 -22.04 3.26
N LYS C 176 -25.47 -21.97 3.29
CA LYS C 176 -24.52 -22.98 2.83
C LYS C 176 -25.00 -23.76 1.62
N ALA C 177 -25.38 -22.97 0.61
CA ALA C 177 -25.89 -23.49 -0.64
C ALA C 177 -25.18 -22.88 -1.85
N TYR C 178 -24.87 -21.58 -1.81
CA TYR C 178 -24.33 -20.85 -2.98
C TYR C 178 -22.82 -20.76 -2.88
N PRO C 179 -22.09 -21.56 -3.69
CA PRO C 179 -20.63 -21.53 -3.55
C PRO C 179 -20.03 -20.17 -3.95
N VAL C 180 -19.05 -19.70 -3.18
CA VAL C 180 -18.42 -18.41 -3.41
C VAL C 180 -17.82 -18.36 -4.82
N GLU C 181 -17.16 -19.43 -5.26
CA GLU C 181 -16.46 -19.42 -6.55
C GLU C 181 -17.34 -19.31 -7.81
N CYS C 182 -18.64 -19.57 -7.67
CA CYS C 182 -19.64 -19.58 -8.77
C CYS C 182 -20.41 -18.32 -8.95
N TRP C 183 -20.48 -17.50 -7.90
CA TRP C 183 -21.43 -16.41 -7.85
C TRP C 183 -20.80 -15.09 -7.37
N VAL C 184 -21.25 -13.99 -7.96
CA VAL C 184 -20.96 -12.63 -7.49
C VAL C 184 -22.25 -11.80 -7.43
N PRO C 185 -22.22 -10.66 -6.74
CA PRO C 185 -23.38 -9.78 -6.79
C PRO C 185 -23.64 -9.34 -8.22
N ASP C 186 -24.90 -9.36 -8.63
CA ASP C 186 -25.27 -8.97 -9.98
C ASP C 186 -25.30 -7.43 -10.07
N PRO C 187 -24.34 -6.83 -10.80
CA PRO C 187 -24.31 -5.36 -10.86
C PRO C 187 -25.46 -4.74 -11.70
N THR C 188 -26.20 -5.57 -12.46
CA THR C 188 -27.35 -5.09 -13.22
C THR C 188 -28.60 -5.02 -12.38
N ARG C 189 -28.54 -5.47 -11.13
CA ARG C 189 -29.69 -5.42 -10.23
C ARG C 189 -29.22 -4.85 -8.91
N ASN C 190 -29.76 -5.36 -7.79
CA ASN C 190 -29.40 -4.87 -6.47
C ASN C 190 -29.57 -3.37 -6.23
N GLU C 191 -30.63 -2.78 -6.77
CA GLU C 191 -30.91 -1.36 -6.55
C GLU C 191 -31.26 -1.10 -5.09
N ASN C 192 -31.79 -2.11 -4.40
CA ASN C 192 -32.22 -1.99 -2.99
C ASN C 192 -31.25 -2.65 -2.00
N THR C 193 -29.99 -2.79 -2.41
CA THR C 193 -28.95 -3.39 -1.59
C THR C 193 -27.68 -2.56 -1.80
N ARG C 194 -26.83 -2.51 -0.78
CA ARG C 194 -25.48 -1.91 -0.89
C ARG C 194 -24.48 -3.04 -0.59
N TYR C 195 -23.56 -3.29 -1.52
CA TYR C 195 -22.57 -4.36 -1.34
C TYR C 195 -21.13 -3.87 -1.53
N PHE C 196 -20.21 -4.59 -0.89
CA PHE C 196 -18.81 -4.22 -0.84
C PHE C 196 -17.97 -5.48 -0.72
N GLY C 197 -16.96 -5.62 -1.59
CA GLY C 197 -16.12 -6.80 -1.53
C GLY C 197 -14.77 -6.65 -2.15
N THR C 198 -13.82 -7.42 -1.62
CA THR C 198 -12.45 -7.47 -2.12
C THR C 198 -11.94 -8.91 -2.23
N LEU C 199 -11.49 -9.28 -3.42
CA LEU C 199 -10.76 -10.50 -3.65
C LEU C 199 -9.27 -10.17 -3.70
N THR C 200 -8.49 -10.89 -2.89
CA THR C 200 -7.03 -10.78 -2.91
C THR C 200 -6.45 -12.16 -3.17
N GLY C 201 -5.99 -12.43 -4.39
CA GLY C 201 -5.53 -13.78 -4.80
C GLY C 201 -4.02 -13.99 -4.73
N GLY C 202 -3.58 -15.20 -4.44
CA GLY C 202 -2.14 -15.47 -4.38
C GLY C 202 -1.83 -16.26 -3.14
N GLU C 203 -1.03 -17.32 -3.29
CA GLU C 203 -0.84 -18.28 -2.19
C GLU C 203 -0.11 -17.72 -0.97
N ASN C 204 0.63 -16.62 -1.12
CA ASN C 204 1.36 -16.03 0.01
C ASN C 204 0.83 -14.69 0.49
N VAL C 205 -0.36 -14.31 0.02
CA VAL C 205 -0.98 -13.05 0.41
C VAL C 205 -1.21 -13.03 1.94
N PRO C 206 -0.71 -11.98 2.62
CA PRO C 206 -0.92 -11.86 4.07
C PRO C 206 -2.32 -11.33 4.42
N PRO C 207 -3.00 -11.94 5.40
CA PRO C 207 -4.23 -11.33 5.89
C PRO C 207 -3.95 -9.98 6.56
N VAL C 208 -4.74 -8.98 6.20
CA VAL C 208 -4.65 -7.67 6.82
C VAL C 208 -6.07 -7.34 7.31
N LEU C 209 -6.28 -7.50 8.62
CA LEU C 209 -7.62 -7.38 9.19
C LEU C 209 -7.66 -6.28 10.26
N HIS C 210 -8.51 -5.28 10.00
CA HIS C 210 -8.64 -4.09 10.87
C HIS C 210 -9.91 -4.23 11.69
N ILE C 211 -9.82 -3.92 12.98
CA ILE C 211 -10.98 -3.86 13.84
C ILE C 211 -11.07 -2.49 14.49
N THR C 212 -12.28 -1.96 14.62
CA THR C 212 -12.53 -0.77 15.43
C THR C 212 -14.01 -0.51 15.58
N ASN C 213 -14.40 0.07 16.71
CA ASN C 213 -15.82 0.40 16.91
C ASN C 213 -16.13 1.88 16.61
N THR C 214 -15.22 2.55 15.91
CA THR C 214 -15.35 3.97 15.62
C THR C 214 -15.65 4.27 14.14
N ALA C 215 -15.79 3.25 13.30
CA ALA C 215 -15.99 3.46 11.86
C ALA C 215 -17.41 3.10 11.45
N THR C 216 -18.07 3.99 10.72
CA THR C 216 -19.43 3.81 10.26
C THR C 216 -19.48 3.95 8.74
N THR C 217 -20.22 3.06 8.07
CA THR C 217 -20.52 3.22 6.64
C THR C 217 -21.94 3.77 6.47
N VAL C 218 -22.10 4.82 5.66
CA VAL C 218 -23.42 5.41 5.38
C VAL C 218 -24.02 4.64 4.21
N LEU C 219 -25.26 4.16 4.35
CA LEU C 219 -25.91 3.31 3.34
C LEU C 219 -26.81 4.08 2.36
N LEU C 220 -26.93 5.40 2.55
CA LEU C 220 -27.82 6.22 1.73
C LEU C 220 -27.27 6.34 0.33
N ASP C 221 -28.14 6.33 -0.67
CA ASP C 221 -27.68 6.57 -2.03
C ASP C 221 -27.54 8.08 -2.26
N GLU C 222 -27.21 8.45 -3.50
CA GLU C 222 -27.03 9.87 -3.88
C GLU C 222 -28.28 10.73 -3.75
N PHE C 223 -29.45 10.12 -3.63
CA PHE C 223 -30.69 10.83 -3.34
C PHE C 223 -31.03 10.84 -1.85
N GLY C 224 -30.12 10.37 -0.99
CA GLY C 224 -30.37 10.32 0.45
C GLY C 224 -31.28 9.19 0.93
N VAL C 225 -31.46 8.16 0.10
CA VAL C 225 -32.33 7.03 0.42
C VAL C 225 -31.54 5.74 0.63
N GLY C 226 -31.77 5.08 1.76
CA GLY C 226 -31.15 3.79 2.05
C GLY C 226 -31.99 2.61 1.58
N PRO C 227 -31.45 1.39 1.70
CA PRO C 227 -32.28 0.21 1.45
C PRO C 227 -33.58 0.25 2.21
N LEU C 228 -34.67 -0.04 1.53
CA LEU C 228 -36.01 -0.03 2.13
C LEU C 228 -36.46 -1.48 2.33
N CYS C 229 -36.86 -1.83 3.55
CA CYS C 229 -37.03 -3.24 3.93
C CYS C 229 -38.42 -3.79 3.63
N LYS C 230 -38.53 -4.61 2.59
CA LYS C 230 -39.81 -5.17 2.17
C LYS C 230 -40.28 -6.24 3.16
N GLY C 231 -41.53 -6.17 3.56
CA GLY C 231 -42.09 -7.11 4.55
C GLY C 231 -41.45 -7.02 5.93
N ASP C 232 -40.84 -5.87 6.23
CA ASP C 232 -40.18 -5.64 7.52
C ASP C 232 -39.09 -6.67 7.80
N ASN C 233 -38.33 -7.02 6.75
CA ASN C 233 -37.12 -7.86 6.87
C ASN C 233 -35.86 -7.17 6.32
N LEU C 234 -34.77 -7.31 7.07
CA LEU C 234 -33.46 -6.84 6.67
C LEU C 234 -32.58 -8.02 6.25
N TYR C 235 -31.95 -7.90 5.08
CA TYR C 235 -31.06 -8.93 4.56
C TYR C 235 -29.58 -8.59 4.71
N LEU C 236 -28.87 -9.41 5.46
CA LEU C 236 -27.44 -9.27 5.64
C LEU C 236 -26.73 -10.46 5.00
N SER C 237 -25.64 -10.17 4.30
CA SER C 237 -24.88 -11.21 3.60
C SER C 237 -23.40 -10.96 3.78
N ALA C 238 -22.63 -12.05 3.75
CA ALA C 238 -21.20 -11.97 4.01
C ALA C 238 -20.41 -13.18 3.50
N VAL C 239 -19.15 -12.93 3.14
CA VAL C 239 -18.14 -13.96 2.98
C VAL C 239 -16.88 -13.41 3.57
N ASP C 240 -16.22 -14.21 4.39
CA ASP C 240 -14.93 -13.87 4.95
C ASP C 240 -14.01 -15.08 4.98
N VAL C 241 -13.60 -15.46 3.77
CA VAL C 241 -12.54 -16.44 3.58
C VAL C 241 -11.21 -15.74 3.82
N CYS C 242 -10.53 -16.11 4.90
CA CYS C 242 -9.37 -15.37 5.36
C CYS C 242 -8.09 -15.84 4.71
N GLY C 243 -8.14 -17.01 4.08
CA GLY C 243 -6.96 -17.62 3.50
C GLY C 243 -7.04 -19.13 3.72
N MET C 244 -5.89 -19.78 3.67
CA MET C 244 -5.76 -21.21 3.87
C MET C 244 -4.84 -21.55 5.02
N PHE C 245 -5.26 -22.52 5.83
CA PHE C 245 -4.41 -23.17 6.82
C PHE C 245 -3.71 -24.35 6.17
N THR C 246 -2.38 -24.43 6.35
CA THR C 246 -1.57 -25.53 5.84
C THR C 246 -1.25 -26.47 6.98
N ASN C 247 -1.63 -27.74 6.82
CA ASN C 247 -1.33 -28.76 7.80
C ASN C 247 0.11 -29.23 7.67
N ARG C 248 0.61 -29.91 8.72
CA ARG C 248 1.95 -30.50 8.67
C ARG C 248 2.18 -31.30 7.40
N SER C 249 1.19 -32.08 6.97
CA SER C 249 1.32 -32.90 5.74
C SER C 249 1.44 -32.05 4.46
N GLY C 250 1.05 -30.80 4.52
CA GLY C 250 1.07 -29.91 3.35
C GLY C 250 -0.30 -29.69 2.76
N SER C 251 -1.28 -30.48 3.20
CA SER C 251 -2.66 -30.34 2.73
C SER C 251 -3.21 -29.00 3.22
N GLN C 252 -4.14 -28.42 2.46
CA GLN C 252 -4.58 -27.05 2.71
C GLN C 252 -6.09 -26.94 2.82
N GLN C 253 -6.54 -26.15 3.77
CA GLN C 253 -7.98 -25.97 4.05
C GLN C 253 -8.30 -24.49 4.13
N TRP C 254 -9.42 -24.07 3.52
CA TRP C 254 -9.87 -22.70 3.68
C TRP C 254 -10.20 -22.47 5.16
N ARG C 255 -9.93 -21.27 5.68
CA ARG C 255 -10.37 -20.88 7.03
C ARG C 255 -11.15 -19.58 6.97
N GLY C 256 -12.36 -19.60 7.54
CA GLY C 256 -13.24 -18.42 7.58
C GLY C 256 -13.50 -17.92 8.99
N LEU C 257 -14.00 -16.69 9.11
CA LEU C 257 -14.39 -16.11 10.39
C LEU C 257 -15.76 -15.44 10.29
N SER C 258 -16.40 -15.25 11.44
CA SER C 258 -17.70 -14.60 11.54
C SER C 258 -17.55 -13.09 11.34
N ARG C 259 -18.66 -12.46 10.96
CA ARG C 259 -18.71 -11.01 10.74
C ARG C 259 -19.86 -10.39 11.54
N TYR C 260 -19.52 -9.31 12.25
CA TYR C 260 -20.46 -8.52 13.04
C TYR C 260 -21.12 -7.51 12.14
N PHE C 261 -22.43 -7.35 12.31
CA PHE C 261 -23.20 -6.28 11.68
C PHE C 261 -23.92 -5.47 12.76
N LYS C 262 -23.90 -4.15 12.65
CA LYS C 262 -24.86 -3.31 13.39
C LYS C 262 -25.44 -2.29 12.44
N VAL C 263 -26.76 -2.34 12.28
CA VAL C 263 -27.43 -1.49 11.31
C VAL C 263 -28.46 -0.60 12.00
N GLN C 264 -28.41 0.70 11.73
CA GLN C 264 -29.40 1.63 12.25
C GLN C 264 -30.45 1.87 11.18
N LEU C 265 -31.71 1.85 11.59
CA LEU C 265 -32.85 2.01 10.67
C LEU C 265 -33.83 3.08 11.15
N ARG C 266 -34.54 3.69 10.21
CA ARG C 266 -35.53 4.70 10.55
C ARG C 266 -36.81 4.49 9.73
N LYS C 267 -37.93 4.95 10.24
CA LYS C 267 -39.20 4.80 9.53
C LYS C 267 -39.34 5.82 8.42
N ARG C 268 -39.68 5.32 7.23
CA ARG C 268 -39.92 6.17 6.08
C ARG C 268 -41.28 5.92 5.45
N ARG C 269 -42.01 6.99 5.15
CA ARG C 269 -43.28 6.88 4.45
C ARG C 269 -43.02 6.76 2.95
N VAL C 270 -43.80 5.90 2.30
CA VAL C 270 -43.76 5.69 0.85
C VAL C 270 -45.18 5.62 0.30
N LYS C 271 -45.32 5.96 -0.99
CA LYS C 271 -46.64 6.09 -1.64
C LYS C 271 -47.12 4.76 -2.18
N GLU D 8 -28.10 10.48 31.39
CA GLU D 8 -28.24 11.79 30.68
C GLU D 8 -26.95 12.58 30.77
N VAL D 9 -26.38 12.91 29.61
CA VAL D 9 -25.13 13.65 29.51
C VAL D 9 -25.44 15.13 29.28
N LEU D 10 -25.00 16.00 30.19
CA LEU D 10 -25.28 17.44 30.07
C LEU D 10 -24.01 18.20 29.68
N GLU D 11 -23.81 19.41 30.21
CA GLU D 11 -22.72 20.28 29.73
C GLU D 11 -21.31 19.93 30.24
N VAL D 12 -20.31 20.30 29.45
CA VAL D 12 -18.92 20.27 29.88
C VAL D 12 -18.64 21.41 30.87
N LYS D 13 -17.86 21.14 31.90
CA LYS D 13 -17.41 22.19 32.82
C LYS D 13 -16.18 22.86 32.23
N THR D 14 -16.07 24.18 32.40
CA THR D 14 -14.91 24.96 31.94
C THR D 14 -14.19 25.51 33.17
N GLY D 15 -13.10 26.24 32.94
CA GLY D 15 -12.27 26.76 34.03
C GLY D 15 -10.93 26.05 34.05
N VAL D 16 -9.90 26.70 34.59
CA VAL D 16 -8.53 26.17 34.58
C VAL D 16 -8.46 24.70 35.05
N ASP D 17 -9.20 24.43 36.14
CA ASP D 17 -9.18 23.15 36.86
C ASP D 17 -10.08 22.04 36.27
N SER D 18 -10.73 22.30 35.14
CA SER D 18 -11.70 21.39 34.58
C SER D 18 -11.10 20.39 33.58
N ILE D 19 -9.78 20.42 33.39
CA ILE D 19 -9.13 19.49 32.49
C ILE D 19 -8.01 18.77 33.24
N THR D 20 -7.66 17.56 32.80
CA THR D 20 -6.51 16.86 33.34
C THR D 20 -5.92 15.95 32.26
N GLU D 21 -4.70 15.48 32.48
CA GLU D 21 -4.00 14.61 31.54
C GLU D 21 -3.51 13.36 32.20
N VAL D 22 -3.47 12.27 31.44
CA VAL D 22 -2.85 11.04 31.87
C VAL D 22 -1.76 10.64 30.86
N GLU D 23 -0.58 10.33 31.38
CA GLU D 23 0.53 9.95 30.52
C GLU D 23 1.16 8.72 31.13
N CYS D 24 1.27 7.64 30.35
CA CYS D 24 1.91 6.44 30.84
C CYS D 24 2.36 5.51 29.70
N PHE D 25 2.99 4.39 30.07
CA PHE D 25 3.32 3.36 29.10
C PHE D 25 2.86 2.01 29.62
N LEU D 26 2.43 1.15 28.70
CA LEU D 26 2.06 -0.22 29.02
C LEU D 26 3.13 -1.14 28.45
N THR D 27 3.77 -1.93 29.30
CA THR D 27 4.78 -2.88 28.86
C THR D 27 4.08 -4.09 28.26
N PRO D 28 4.71 -4.76 27.29
CA PRO D 28 4.09 -5.90 26.66
C PRO D 28 4.20 -7.18 27.50
N GLU D 29 3.28 -8.12 27.28
CA GLU D 29 3.31 -9.39 28.03
C GLU D 29 3.33 -10.56 27.04
N MET D 30 4.54 -10.91 26.61
CA MET D 30 4.73 -11.89 25.54
C MET D 30 4.93 -13.31 26.05
N GLY D 31 5.20 -13.45 27.34
CA GLY D 31 5.33 -14.76 27.96
C GLY D 31 6.50 -14.86 28.92
N ASP D 32 7.59 -14.14 28.63
CA ASP D 32 8.73 -14.00 29.55
C ASP D 32 9.27 -15.32 30.09
N PRO D 33 9.78 -16.20 29.21
CA PRO D 33 10.13 -17.59 29.60
C PRO D 33 11.28 -17.73 30.61
N ASP D 34 12.15 -16.73 30.72
CA ASP D 34 13.10 -16.71 31.83
C ASP D 34 13.44 -15.29 32.24
N GLU D 35 14.37 -15.16 33.18
CA GLU D 35 14.74 -13.87 33.77
C GLU D 35 15.48 -12.92 32.82
N HIS D 36 15.90 -13.39 31.64
CA HIS D 36 16.60 -12.55 30.67
C HIS D 36 15.75 -12.17 29.46
N LEU D 37 14.48 -12.59 29.43
CA LEU D 37 13.71 -12.60 28.20
C LEU D 37 12.39 -11.86 28.26
N ARG D 38 12.33 -10.85 29.13
CA ARG D 38 11.21 -9.94 29.15
C ARG D 38 11.04 -9.32 27.75
N GLY D 39 9.83 -9.39 27.24
CA GLY D 39 9.50 -8.86 25.92
C GLY D 39 9.49 -9.93 24.84
N PHE D 40 9.89 -11.14 25.19
CA PHE D 40 9.89 -12.29 24.28
C PHE D 40 8.97 -13.39 24.82
N SER D 41 8.48 -14.24 23.93
CA SER D 41 7.81 -15.49 24.34
C SER D 41 8.80 -16.65 24.41
N LYS D 42 8.37 -17.77 24.98
CA LYS D 42 9.07 -19.01 24.81
C LYS D 42 9.09 -19.37 23.32
N SER D 43 10.13 -20.09 22.88
CA SER D 43 10.18 -20.61 21.52
CA SER D 43 10.16 -20.58 21.52
C SER D 43 8.90 -21.40 21.21
N ILE D 44 8.40 -21.26 19.99
CA ILE D 44 7.14 -21.88 19.59
C ILE D 44 7.36 -23.32 19.14
N SER D 45 6.68 -24.27 19.75
CA SER D 45 6.68 -25.65 19.28
C SER D 45 5.31 -25.98 18.67
N ILE D 46 5.28 -27.04 17.85
CA ILE D 46 4.12 -27.41 17.07
C ILE D 46 3.65 -28.77 17.60
N SER D 47 2.36 -28.91 17.89
CA SER D 47 1.82 -30.19 18.40
C SER D 47 1.89 -31.26 17.31
N ASP D 48 1.91 -32.54 17.70
CA ASP D 48 2.03 -33.64 16.77
C ASP D 48 0.73 -33.93 16.03
N THR D 49 -0.38 -33.48 16.60
CA THR D 49 -1.69 -33.66 16.01
C THR D 49 -2.50 -32.42 16.32
N PHE D 50 -3.52 -32.20 15.51
CA PHE D 50 -4.37 -31.02 15.66
C PHE D 50 -5.08 -31.05 17.01
N GLU D 51 -5.58 -32.24 17.34
CA GLU D 51 -6.30 -32.50 18.57
C GLU D 51 -5.48 -32.24 19.83
N SER D 52 -4.17 -32.51 19.76
CA SER D 52 -3.28 -32.39 20.93
C SER D 52 -2.62 -31.01 21.11
N ASP D 53 -3.07 -30.00 20.39
CA ASP D 53 -2.56 -28.64 20.58
C ASP D 53 -2.68 -28.26 22.06
N SER D 54 -1.57 -27.91 22.68
CA SER D 54 -1.55 -27.55 24.09
CA SER D 54 -1.53 -27.59 24.10
C SER D 54 -0.38 -26.62 24.41
N PRO D 55 -0.58 -25.32 24.12
CA PRO D 55 0.54 -24.40 24.31
C PRO D 55 0.86 -24.12 25.77
N ASN D 56 2.16 -24.08 26.07
CA ASN D 56 2.63 -23.64 27.38
C ASN D 56 2.33 -22.17 27.57
N ARG D 57 2.13 -21.80 28.83
CA ARG D 57 1.74 -20.45 29.17
C ARG D 57 2.71 -19.38 28.68
N ASP D 58 4.01 -19.65 28.82
CA ASP D 58 5.01 -18.67 28.45
C ASP D 58 5.21 -18.57 26.92
N MET D 59 4.44 -19.34 26.15
CA MET D 59 4.44 -19.29 24.69
CA MET D 59 4.44 -19.28 24.68
C MET D 59 3.28 -18.43 24.18
N LEU D 60 2.45 -17.94 25.09
CA LEU D 60 1.22 -17.21 24.73
C LEU D 60 1.26 -15.74 25.12
N PRO D 61 1.46 -14.86 24.14
CA PRO D 61 1.24 -13.45 24.41
C PRO D 61 -0.16 -13.16 24.96
N CYS D 62 -0.25 -12.18 25.88
CA CYS D 62 -1.48 -11.75 26.50
C CYS D 62 -1.75 -10.26 26.28
N TYR D 63 -3.01 -9.87 26.40
CA TYR D 63 -3.41 -8.47 26.39
C TYR D 63 -2.81 -7.75 27.62
N SER D 64 -2.33 -6.54 27.41
CA SER D 64 -1.94 -5.66 28.51
C SER D 64 -3.07 -4.70 28.84
N VAL D 65 -3.17 -4.35 30.12
CA VAL D 65 -4.19 -3.46 30.62
C VAL D 65 -3.64 -2.67 31.83
N ALA D 66 -4.00 -1.40 31.93
CA ALA D 66 -3.77 -0.60 33.14
C ALA D 66 -5.01 0.22 33.46
N ARG D 67 -5.33 0.26 34.75
CA ARG D 67 -6.41 1.07 35.29
C ARG D 67 -5.76 2.27 35.99
N ILE D 68 -6.04 3.47 35.51
CA ILE D 68 -5.39 4.68 36.00
C ILE D 68 -6.37 5.49 36.83
N PRO D 69 -6.08 5.70 38.13
CA PRO D 69 -6.95 6.57 38.95
C PRO D 69 -6.88 8.04 38.56
N LEU D 70 -8.02 8.71 38.54
CA LEU D 70 -8.12 10.11 38.11
C LEU D 70 -8.37 11.00 39.32
N PRO D 71 -8.17 12.32 39.18
CA PRO D 71 -8.54 13.15 40.34
C PRO D 71 -9.96 12.88 40.83
N ASN D 72 -10.10 12.75 42.15
CA ASN D 72 -11.37 12.33 42.75
C ASN D 72 -12.45 13.38 42.54
N LEU D 73 -13.59 12.98 41.99
CA LEU D 73 -14.73 13.85 41.81
C LEU D 73 -15.82 13.41 42.78
N ILE D 82 -23.76 15.01 39.63
CA ILE D 82 -22.59 14.17 39.33
C ILE D 82 -21.71 14.68 38.18
N LEU D 83 -20.40 14.73 38.42
CA LEU D 83 -19.41 14.97 37.37
C LEU D 83 -18.59 13.71 37.06
N MET D 84 -18.29 13.50 35.78
CA MET D 84 -17.43 12.41 35.33
C MET D 84 -16.34 12.94 34.41
N TRP D 85 -15.15 12.34 34.50
CA TRP D 85 -14.08 12.64 33.57
C TRP D 85 -14.42 12.01 32.23
N GLU D 86 -14.28 12.81 31.17
CA GLU D 86 -14.57 12.39 29.82
C GLU D 86 -13.28 12.40 29.00
N ALA D 87 -12.92 11.26 28.42
CA ALA D 87 -11.70 11.17 27.62
C ALA D 87 -11.98 11.74 26.25
N VAL D 88 -11.15 12.70 25.82
CA VAL D 88 -11.39 13.49 24.63
C VAL D 88 -10.38 13.21 23.52
N THR D 89 -9.10 13.11 23.85
CA THR D 89 -8.06 12.86 22.85
C THR D 89 -7.02 11.86 23.35
N LEU D 90 -6.38 11.21 22.38
CA LEU D 90 -5.29 10.25 22.60
C LEU D 90 -4.11 10.52 21.66
N LYS D 91 -2.90 10.46 22.22
CA LYS D 91 -1.70 10.29 21.41
C LYS D 91 -1.08 9.00 21.87
N THR D 92 -0.65 8.19 20.93
CA THR D 92 -0.09 6.88 21.26
C THR D 92 1.03 6.51 20.30
N GLU D 93 1.94 5.69 20.78
CA GLU D 93 3.12 5.38 20.03
C GLU D 93 3.75 4.11 20.56
N VAL D 94 4.24 3.26 19.65
CA VAL D 94 5.06 2.11 20.05
C VAL D 94 6.46 2.61 20.42
N ILE D 95 6.96 2.13 21.55
CA ILE D 95 8.24 2.60 22.11
C ILE D 95 9.37 1.60 21.91
N GLY D 96 10.43 2.05 21.25
CA GLY D 96 11.62 1.24 21.00
C GLY D 96 11.65 0.56 19.63
N VAL D 97 11.02 1.19 18.64
CA VAL D 97 10.94 0.57 17.32
C VAL D 97 12.32 0.25 16.73
N THR D 98 13.34 1.06 17.04
CA THR D 98 14.65 0.89 16.47
C THR D 98 15.41 -0.31 17.02
N SER D 99 15.01 -0.83 18.18
CA SER D 99 15.63 -2.03 18.71
C SER D 99 15.54 -3.20 17.74
N LEU D 100 14.53 -3.18 16.85
CA LEU D 100 14.39 -4.21 15.83
C LEU D 100 15.47 -4.15 14.75
N MET D 101 16.37 -3.17 14.81
CA MET D 101 17.53 -3.15 13.92
C MET D 101 18.72 -3.99 14.42
N ASN D 102 18.60 -4.59 15.60
CA ASN D 102 19.65 -5.50 16.06
C ASN D 102 19.57 -6.82 15.29
N VAL D 103 20.40 -6.92 14.26
CA VAL D 103 20.46 -8.12 13.42
C VAL D 103 21.76 -8.90 13.64
N HIS D 104 22.39 -8.68 14.80
CA HIS D 104 23.70 -9.27 15.12
C HIS D 104 23.73 -10.15 16.38
N SER D 105 22.59 -10.29 17.07
CA SER D 105 22.53 -11.00 18.36
C SER D 105 22.01 -12.44 18.19
N ASN D 106 22.91 -13.30 17.72
CA ASN D 106 22.66 -14.75 17.56
C ASN D 106 21.35 -15.10 16.84
N GLY D 107 21.09 -14.40 15.74
CA GLY D 107 19.99 -14.71 14.85
C GLY D 107 20.42 -15.70 13.77
N GLN D 108 19.50 -15.99 12.85
CA GLN D 108 19.74 -16.87 11.74
C GLN D 108 20.06 -16.07 10.51
N ALA D 109 21.26 -16.25 9.99
CA ALA D 109 21.70 -15.57 8.77
C ALA D 109 20.73 -15.83 7.64
N THR D 110 20.42 -14.78 6.88
CA THR D 110 19.44 -14.89 5.81
C THR D 110 20.02 -15.66 4.62
N HIS D 111 21.33 -15.60 4.45
CA HIS D 111 22.07 -16.43 3.49
C HIS D 111 23.53 -16.49 3.98
N ASP D 112 24.37 -17.24 3.29
CA ASP D 112 25.77 -17.38 3.67
C ASP D 112 26.50 -16.04 3.79
N ASN D 113 27.05 -15.77 4.97
CA ASN D 113 27.73 -14.51 5.32
C ASN D 113 26.83 -13.31 5.54
N GLY D 114 25.51 -13.51 5.48
CA GLY D 114 24.56 -12.43 5.56
C GLY D 114 24.23 -12.05 6.99
N ALA D 115 23.52 -10.95 7.14
CA ALA D 115 23.07 -10.51 8.44
C ALA D 115 21.96 -11.41 8.94
N GLY D 116 21.67 -11.26 10.22
CA GLY D 116 20.59 -11.98 10.86
C GLY D 116 19.23 -11.50 10.39
N LYS D 117 18.31 -12.44 10.27
CA LYS D 117 16.96 -12.17 9.84
C LYS D 117 16.31 -11.28 10.91
N PRO D 118 15.73 -10.13 10.50
CA PRO D 118 15.10 -9.29 11.52
C PRO D 118 13.76 -9.82 11.97
N VAL D 119 13.27 -9.27 13.08
CA VAL D 119 11.92 -9.55 13.56
C VAL D 119 10.93 -9.28 12.43
N GLN D 120 10.04 -10.23 12.18
CA GLN D 120 9.09 -10.16 11.08
C GLN D 120 8.03 -11.24 11.23
N GLY D 121 7.04 -11.21 10.35
CA GLY D 121 5.94 -12.15 10.39
C GLY D 121 4.74 -11.61 11.15
N THR D 122 3.85 -12.52 11.52
CA THR D 122 2.56 -12.18 12.06
C THR D 122 2.63 -11.17 13.20
N SER D 123 1.84 -10.10 13.08
CA SER D 123 1.80 -9.05 14.10
C SER D 123 0.37 -8.71 14.49
N PHE D 124 0.19 -8.20 15.70
CA PHE D 124 -1.07 -7.63 16.15
C PHE D 124 -0.76 -6.39 16.96
N HIS D 125 -1.23 -5.25 16.46
CA HIS D 125 -1.11 -3.98 17.12
C HIS D 125 -2.49 -3.44 17.43
N PHE D 126 -2.70 -3.17 18.71
CA PHE D 126 -4.00 -2.92 19.24
C PHE D 126 -3.92 -1.99 20.42
N PHE D 127 -4.92 -1.10 20.52
CA PHE D 127 -5.05 -0.24 21.69
C PHE D 127 -6.48 0.25 21.87
N SER D 128 -6.83 0.53 23.12
CA SER D 128 -8.14 1.04 23.48
C SER D 128 -8.06 1.95 24.70
N VAL D 129 -9.01 2.87 24.77
CA VAL D 129 -9.20 3.79 25.88
C VAL D 129 -10.66 3.69 26.24
N GLY D 130 -10.95 3.45 27.52
CA GLY D 130 -12.33 3.32 27.99
C GLY D 130 -12.53 3.86 29.40
N GLY D 131 -13.79 4.11 29.74
CA GLY D 131 -14.14 4.52 31.09
C GLY D 131 -14.54 3.32 31.94
N GLU D 132 -14.16 2.13 31.47
CA GLU D 132 -14.41 0.86 32.16
C GLU D 132 -13.62 -0.24 31.41
N ALA D 133 -13.59 -1.43 31.96
CA ALA D 133 -12.75 -2.51 31.43
C ALA D 133 -13.17 -2.84 29.99
N LEU D 134 -12.19 -3.12 29.14
CA LEU D 134 -12.48 -3.58 27.77
C LEU D 134 -13.26 -4.89 27.85
N GLU D 135 -14.34 -5.00 27.07
CA GLU D 135 -15.13 -6.22 27.06
C GLU D 135 -14.67 -7.10 25.91
N LEU D 136 -14.52 -8.39 26.20
CA LEU D 136 -13.94 -9.36 25.27
C LEU D 136 -14.93 -10.44 24.84
N GLN D 137 -14.73 -10.93 23.63
CA GLN D 137 -15.45 -12.06 23.08
C GLN D 137 -14.40 -13.09 22.68
N GLY D 138 -14.66 -14.34 23.01
CA GLY D 138 -13.73 -15.41 22.72
C GLY D 138 -13.97 -16.05 21.35
N VAL D 139 -12.89 -16.22 20.59
CA VAL D 139 -12.91 -17.02 19.37
C VAL D 139 -11.63 -17.87 19.34
N LEU D 140 -11.82 -19.16 19.08
CA LEU D 140 -10.73 -20.11 19.08
C LEU D 140 -10.39 -20.63 17.69
N PHE D 141 -9.11 -20.70 17.38
CA PHE D 141 -8.67 -21.30 16.14
C PHE D 141 -9.03 -22.80 16.11
N ASN D 142 -8.80 -23.47 17.23
CA ASN D 142 -9.00 -24.91 17.40
C ASN D 142 -9.67 -25.13 18.75
N TYR D 143 -10.93 -25.58 18.77
CA TYR D 143 -11.68 -25.69 20.05
C TYR D 143 -11.12 -26.76 20.97
N ARG D 144 -10.34 -27.69 20.42
CA ARG D 144 -9.73 -28.77 21.21
C ARG D 144 -8.34 -28.37 21.71
N THR D 145 -7.91 -27.14 21.44
CA THR D 145 -6.73 -26.60 22.10
C THR D 145 -6.88 -26.65 23.62
N LYS D 146 -5.88 -27.22 24.28
CA LYS D 146 -5.77 -27.19 25.74
C LYS D 146 -4.98 -25.93 26.18
N TYR D 147 -5.70 -24.92 26.66
CA TYR D 147 -5.06 -23.70 27.13
C TYR D 147 -4.53 -23.94 28.53
N PRO D 148 -3.37 -23.36 28.85
CA PRO D 148 -2.67 -23.74 30.08
C PRO D 148 -3.20 -23.03 31.32
N ASP D 149 -2.96 -23.67 32.45
CA ASP D 149 -3.22 -23.11 33.76
C ASP D 149 -2.48 -21.79 33.96
N GLY D 150 -3.18 -20.82 34.55
CA GLY D 150 -2.64 -19.48 34.74
C GLY D 150 -3.12 -18.51 33.70
N THR D 151 -3.76 -19.01 32.63
CA THR D 151 -4.38 -18.13 31.64
C THR D 151 -5.90 -18.16 31.81
N ILE D 152 -6.56 -17.10 31.37
CA ILE D 152 -8.00 -17.05 31.40
C ILE D 152 -8.46 -17.16 29.96
N PHE D 153 -9.12 -18.27 29.66
CA PHE D 153 -9.45 -18.66 28.30
C PHE D 153 -10.94 -19.05 28.20
N PRO D 154 -11.48 -19.09 26.98
CA PRO D 154 -12.85 -19.52 26.80
C PRO D 154 -13.10 -20.90 27.39
N LYS D 155 -14.03 -20.98 28.34
CA LYS D 155 -14.39 -22.22 29.03
C LYS D 155 -15.59 -22.92 28.36
N ASN D 156 -15.70 -24.22 28.58
CA ASN D 156 -16.75 -25.05 27.96
C ASN D 156 -16.77 -24.94 26.43
N ALA D 157 -15.58 -24.94 25.82
CA ALA D 157 -15.47 -24.76 24.38
C ALA D 157 -16.23 -25.86 23.64
N THR D 158 -16.91 -25.50 22.55
CA THR D 158 -17.49 -26.48 21.62
C THR D 158 -16.97 -26.16 20.24
N VAL D 159 -17.33 -26.97 19.25
CA VAL D 159 -16.92 -26.70 17.88
C VAL D 159 -17.45 -25.33 17.39
N GLN D 160 -18.59 -24.87 17.91
CA GLN D 160 -19.07 -23.53 17.61
C GLN D 160 -18.09 -22.43 18.04
N SER D 161 -17.27 -22.70 19.04
CA SER D 161 -16.30 -21.73 19.55
C SER D 161 -15.27 -21.38 18.47
N GLN D 162 -15.14 -22.24 17.46
CA GLN D 162 -14.28 -21.93 16.30
C GLN D 162 -14.82 -20.81 15.40
N VAL D 163 -16.13 -20.53 15.45
CA VAL D 163 -16.69 -19.41 14.69
C VAL D 163 -17.39 -18.33 15.54
N MET D 164 -18.28 -18.75 16.46
CA MET D 164 -18.89 -17.82 17.41
C MET D 164 -19.69 -18.56 18.48
N ASN D 165 -19.26 -18.45 19.73
CA ASN D 165 -20.00 -19.01 20.85
C ASN D 165 -20.17 -17.86 21.83
N THR D 166 -21.39 -17.34 21.91
CA THR D 166 -21.71 -16.17 22.72
C THR D 166 -21.57 -16.40 24.24
N GLU D 167 -21.33 -17.64 24.67
CA GLU D 167 -20.98 -17.88 26.06
C GLU D 167 -19.62 -17.28 26.46
N HIS D 168 -18.71 -17.10 25.49
CA HIS D 168 -17.35 -16.68 25.81
C HIS D 168 -17.25 -15.16 25.92
N LYS D 169 -17.79 -14.61 27.02
CA LYS D 169 -17.71 -13.19 27.37
C LYS D 169 -16.78 -12.97 28.56
N ALA D 170 -15.99 -11.91 28.53
CA ALA D 170 -15.11 -11.57 29.66
C ALA D 170 -14.75 -10.09 29.64
N TYR D 171 -14.15 -9.65 30.74
CA TYR D 171 -13.59 -8.32 30.91
C TYR D 171 -12.07 -8.46 30.96
N LEU D 172 -11.37 -7.54 30.31
CA LEU D 172 -9.94 -7.47 30.40
C LEU D 172 -9.66 -6.76 31.70
N ASP D 173 -9.64 -7.55 32.76
CA ASP D 173 -9.54 -7.06 34.14
C ASP D 173 -8.26 -7.56 34.86
N LYS D 174 -7.38 -8.24 34.13
CA LYS D 174 -6.17 -8.79 34.71
C LYS D 174 -5.04 -8.82 33.66
N ASN D 175 -3.81 -8.54 34.12
CA ASN D 175 -2.62 -8.56 33.27
CA ASN D 175 -2.61 -8.57 33.27
C ASN D 175 -2.01 -9.96 33.25
N LYS D 176 -1.28 -10.27 32.17
CA LYS D 176 -0.61 -11.57 31.99
C LYS D 176 -1.58 -12.72 32.06
N ALA D 177 -2.80 -12.53 31.58
CA ALA D 177 -3.85 -13.51 31.82
C ALA D 177 -4.67 -13.89 30.60
N TYR D 178 -5.07 -12.90 29.79
CA TYR D 178 -5.95 -13.12 28.65
C TYR D 178 -5.14 -13.29 27.36
N PRO D 179 -5.04 -14.54 26.85
CA PRO D 179 -4.20 -14.74 25.66
C PRO D 179 -4.76 -14.05 24.43
N VAL D 180 -3.87 -13.36 23.71
CA VAL D 180 -4.23 -12.65 22.51
C VAL D 180 -5.01 -13.55 21.54
N GLU D 181 -4.52 -14.76 21.33
CA GLU D 181 -5.07 -15.63 20.31
C GLU D 181 -6.48 -16.13 20.59
N CYS D 182 -6.93 -16.06 21.85
CA CYS D 182 -8.26 -16.51 22.29
C CYS D 182 -9.33 -15.45 22.30
N TRP D 183 -8.93 -14.18 22.40
CA TRP D 183 -9.87 -13.11 22.68
C TRP D 183 -9.73 -11.92 21.72
N VAL D 184 -10.87 -11.29 21.41
CA VAL D 184 -10.95 -10.03 20.70
C VAL D 184 -11.93 -9.08 21.40
N PRO D 185 -11.82 -7.78 21.12
CA PRO D 185 -12.85 -6.89 21.65
C PRO D 185 -14.24 -7.33 21.15
N ASP D 186 -15.23 -7.22 22.05
CA ASP D 186 -16.60 -7.61 21.77
C ASP D 186 -17.35 -6.46 21.11
N PRO D 187 -17.58 -6.55 19.78
CA PRO D 187 -18.25 -5.44 19.08
C PRO D 187 -19.73 -5.23 19.50
N THR D 188 -20.32 -6.21 20.20
CA THR D 188 -21.69 -6.06 20.68
C THR D 188 -21.77 -5.26 21.98
N ARG D 189 -20.64 -5.03 22.63
CA ARG D 189 -20.63 -4.25 23.84
C ARG D 189 -19.65 -3.10 23.62
N ASN D 190 -18.91 -2.68 24.64
CA ASN D 190 -17.88 -1.66 24.49
C ASN D 190 -18.40 -0.28 24.03
N GLU D 191 -19.61 0.07 24.48
CA GLU D 191 -20.19 1.38 24.16
C GLU D 191 -19.37 2.51 24.80
N ASN D 192 -18.66 2.22 25.89
CA ASN D 192 -17.96 3.26 26.67
C ASN D 192 -16.43 3.15 26.48
N THR D 193 -16.03 2.56 25.36
CA THR D 193 -14.61 2.40 25.02
C THR D 193 -14.43 2.67 23.53
N ARG D 194 -13.26 3.15 23.16
CA ARG D 194 -12.86 3.26 21.76
C ARG D 194 -11.67 2.34 21.56
N TYR D 195 -11.79 1.41 20.62
CA TYR D 195 -10.71 0.45 20.35
C TYR D 195 -10.31 0.41 18.88
N PHE D 196 -9.04 0.06 18.65
CA PHE D 196 -8.43 0.09 17.34
C PHE D 196 -7.42 -1.03 17.27
N GLY D 197 -7.50 -1.85 16.23
CA GLY D 197 -6.47 -2.87 16.03
C GLY D 197 -6.28 -3.33 14.59
N THR D 198 -5.10 -3.87 14.33
CA THR D 198 -4.75 -4.43 13.03
C THR D 198 -3.97 -5.76 13.22
N LEU D 199 -4.52 -6.83 12.66
CA LEU D 199 -3.81 -8.10 12.53
C LEU D 199 -3.21 -8.16 11.13
N THR D 200 -1.89 -8.32 11.06
CA THR D 200 -1.19 -8.61 9.78
C THR D 200 -0.53 -9.98 9.87
N GLY D 201 -1.10 -10.98 9.20
CA GLY D 201 -0.61 -12.36 9.26
C GLY D 201 0.32 -12.74 8.13
N GLY D 202 1.18 -13.72 8.35
CA GLY D 202 2.07 -14.22 7.28
C GLY D 202 3.47 -14.20 7.83
N GLU D 203 4.28 -15.21 7.50
CA GLU D 203 5.56 -15.37 8.19
C GLU D 203 6.64 -14.41 7.75
N ASN D 204 6.48 -13.81 6.57
CA ASN D 204 7.47 -12.85 6.09
C ASN D 204 6.97 -11.40 6.08
N VAL D 205 5.84 -11.15 6.72
CA VAL D 205 5.31 -9.78 6.80
C VAL D 205 6.36 -8.87 7.44
N PRO D 206 6.67 -7.73 6.79
CA PRO D 206 7.61 -6.76 7.36
C PRO D 206 6.93 -5.83 8.37
N PRO D 207 7.53 -5.64 9.54
CA PRO D 207 7.01 -4.59 10.42
C PRO D 207 7.09 -3.20 9.77
N VAL D 208 6.00 -2.43 9.81
CA VAL D 208 5.99 -1.03 9.41
C VAL D 208 5.51 -0.24 10.64
N LEU D 209 6.44 0.41 11.33
CA LEU D 209 6.14 1.07 12.58
C LEU D 209 6.46 2.56 12.45
N HIS D 210 5.43 3.40 12.53
CA HIS D 210 5.58 4.85 12.44
C HIS D 210 5.64 5.46 13.82
N ILE D 211 6.47 6.48 13.99
CA ILE D 211 6.46 7.26 15.23
C ILE D 211 6.37 8.75 14.90
N THR D 212 5.65 9.50 15.73
CA THR D 212 5.59 10.95 15.67
C THR D 212 4.86 11.48 16.91
N ASN D 213 5.22 12.68 17.35
CA ASN D 213 4.49 13.33 18.42
C ASN D 213 3.48 14.35 17.89
N THR D 214 3.11 14.26 16.62
CA THR D 214 2.23 15.25 16.00
C THR D 214 0.84 14.73 15.69
N ALA D 215 0.57 13.46 15.96
CA ALA D 215 -0.71 12.81 15.58
C ALA D 215 -1.61 12.63 16.80
N THR D 216 -2.85 13.08 16.68
CA THR D 216 -3.84 12.94 17.75
C THR D 216 -5.09 12.18 17.23
N THR D 217 -5.61 11.25 18.02
CA THR D 217 -6.90 10.59 17.75
C THR D 217 -8.00 11.20 18.61
N VAL D 218 -9.09 11.64 18.01
CA VAL D 218 -10.22 12.18 18.77
C VAL D 218 -11.11 11.01 19.26
N LEU D 219 -11.54 11.04 20.52
CA LEU D 219 -12.25 9.89 21.10
C LEU D 219 -13.76 10.09 21.24
N LEU D 220 -14.26 11.22 20.75
CA LEU D 220 -15.66 11.55 20.85
C LEU D 220 -16.44 10.71 19.85
N ASP D 221 -17.60 10.23 20.25
CA ASP D 221 -18.51 9.53 19.34
C ASP D 221 -19.27 10.55 18.48
N GLU D 222 -20.23 10.05 17.72
CA GLU D 222 -20.97 10.87 16.76
C GLU D 222 -21.83 11.98 17.42
N PHE D 223 -22.08 11.85 18.73
CA PHE D 223 -22.82 12.86 19.48
C PHE D 223 -21.91 13.82 20.24
N GLY D 224 -20.60 13.75 20.02
CA GLY D 224 -19.65 14.62 20.72
C GLY D 224 -19.27 14.14 22.12
N VAL D 225 -19.53 12.87 22.43
CA VAL D 225 -19.26 12.33 23.76
C VAL D 225 -18.15 11.28 23.73
N GLY D 226 -17.12 11.51 24.53
CA GLY D 226 -16.05 10.53 24.73
C GLY D 226 -16.37 9.54 25.85
N PRO D 227 -15.46 8.58 26.08
CA PRO D 227 -15.63 7.63 27.18
C PRO D 227 -15.74 8.35 28.53
N LEU D 228 -16.68 7.89 29.35
CA LEU D 228 -16.93 8.50 30.64
C LEU D 228 -16.42 7.55 31.74
N CYS D 229 -15.57 8.08 32.62
CA CYS D 229 -14.77 7.22 33.49
C CYS D 229 -15.52 6.90 34.78
N LYS D 230 -16.03 5.67 34.87
CA LYS D 230 -16.77 5.25 36.06
C LYS D 230 -15.82 5.07 37.23
N GLY D 231 -16.21 5.54 38.42
CA GLY D 231 -15.36 5.48 39.61
C GLY D 231 -14.09 6.31 39.50
N ASP D 232 -14.07 7.27 38.57
CA ASP D 232 -12.87 8.05 38.31
C ASP D 232 -11.65 7.18 37.93
N ASN D 233 -11.89 6.17 37.11
CA ASN D 233 -10.83 5.32 36.59
C ASN D 233 -10.81 5.31 35.06
N LEU D 234 -9.62 5.44 34.50
CA LEU D 234 -9.42 5.38 33.06
C LEU D 234 -8.79 4.02 32.74
N TYR D 235 -9.32 3.33 31.73
CA TYR D 235 -8.83 2.02 31.35
C TYR D 235 -8.10 2.07 30.02
N LEU D 236 -6.82 1.71 30.03
CA LEU D 236 -6.02 1.63 28.85
C LEU D 236 -5.62 0.18 28.61
N SER D 237 -5.68 -0.26 27.35
CA SER D 237 -5.38 -1.63 26.97
C SER D 237 -4.55 -1.67 25.69
N ALA D 238 -3.70 -2.68 25.53
CA ALA D 238 -2.79 -2.76 24.39
C ALA D 238 -2.24 -4.15 24.07
N VAL D 239 -1.94 -4.36 22.78
CA VAL D 239 -1.15 -5.48 22.31
C VAL D 239 -0.25 -4.97 21.19
N ASP D 240 1.04 -5.26 21.27
CA ASP D 240 1.98 -4.90 20.21
C ASP D 240 2.95 -6.05 19.99
N VAL D 241 2.41 -7.14 19.45
CA VAL D 241 3.21 -8.25 18.98
C VAL D 241 3.75 -7.80 17.64
N CYS D 242 5.05 -7.57 17.57
CA CYS D 242 5.66 -6.97 16.38
C CYS D 242 6.02 -7.98 15.34
N GLY D 243 6.05 -9.25 15.72
CA GLY D 243 6.48 -10.33 14.87
C GLY D 243 7.22 -11.37 15.69
N MET D 244 8.03 -12.17 14.99
CA MET D 244 8.85 -13.21 15.61
C MET D 244 10.32 -12.97 15.34
N PHE D 245 11.13 -13.20 16.37
CA PHE D 245 12.57 -13.28 16.24
C PHE D 245 12.96 -14.71 15.95
N THR D 246 13.83 -14.90 14.97
CA THR D 246 14.35 -16.22 14.63
C THR D 246 15.78 -16.36 15.20
N ASN D 247 15.96 -17.35 16.06
CA ASN D 247 17.29 -17.68 16.59
C ASN D 247 18.12 -18.42 15.55
N ARG D 248 19.44 -18.41 15.76
CA ARG D 248 20.40 -19.15 14.93
C ARG D 248 19.96 -20.60 14.69
N SER D 249 19.36 -21.25 15.68
CA SER D 249 18.90 -22.64 15.51
C SER D 249 17.64 -22.79 14.61
N GLY D 250 16.96 -21.70 14.29
CA GLY D 250 15.65 -21.76 13.62
C GLY D 250 14.45 -21.61 14.55
N SER D 251 14.65 -21.81 15.86
CA SER D 251 13.54 -21.63 16.78
C SER D 251 13.04 -20.17 16.75
N GLN D 252 11.74 -19.98 16.91
CA GLN D 252 11.16 -18.63 16.84
C GLN D 252 10.37 -18.24 18.08
N GLN D 253 10.49 -16.97 18.44
CA GLN D 253 9.87 -16.37 19.63
C GLN D 253 9.14 -15.10 19.25
N TRP D 254 7.93 -14.91 19.76
CA TRP D 254 7.24 -13.64 19.56
C TRP D 254 8.05 -12.51 20.22
N ARG D 255 8.08 -11.33 19.61
CA ARG D 255 8.73 -10.15 20.23
C ARG D 255 7.71 -9.01 20.30
N GLY D 256 7.61 -8.40 21.47
CA GLY D 256 6.66 -7.33 21.71
C GLY D 256 7.36 -6.05 22.16
N LEU D 257 6.63 -4.95 22.12
CA LEU D 257 7.17 -3.66 22.58
C LEU D 257 6.15 -2.89 23.40
N SER D 258 6.63 -1.95 24.21
CA SER D 258 5.75 -1.10 25.03
C SER D 258 4.98 -0.09 24.18
N ARG D 259 3.89 0.42 24.72
CA ARG D 259 3.08 1.43 24.07
C ARG D 259 2.86 2.60 24.99
N TYR D 260 3.12 3.79 24.45
CA TYR D 260 2.88 5.08 25.14
C TYR D 260 1.43 5.51 24.93
N PHE D 261 0.85 6.10 25.98
CA PHE D 261 -0.49 6.69 25.95
C PHE D 261 -0.42 8.08 26.58
N LYS D 262 -1.01 9.07 25.90
CA LYS D 262 -1.34 10.34 26.52
C LYS D 262 -2.79 10.68 26.23
N VAL D 263 -3.57 10.86 27.30
CA VAL D 263 -5.00 11.12 27.17
C VAL D 263 -5.39 12.43 27.87
N GLN D 264 -6.14 13.27 27.16
CA GLN D 264 -6.68 14.49 27.72
C GLN D 264 -8.13 14.27 28.07
N LEU D 265 -8.49 14.66 29.29
CA LEU D 265 -9.85 14.53 29.79
C LEU D 265 -10.43 15.85 30.29
N ARG D 266 -11.76 15.94 30.24
CA ARG D 266 -12.47 17.10 30.79
C ARG D 266 -13.61 16.62 31.66
N LYS D 267 -14.03 17.48 32.58
CA LYS D 267 -15.16 17.20 33.44
C LYS D 267 -16.47 17.45 32.70
N ARG D 268 -17.38 16.49 32.83
CA ARG D 268 -18.69 16.49 32.18
C ARG D 268 -19.75 16.25 33.26
N ARG D 269 -20.81 17.05 33.24
CA ARG D 269 -21.93 16.83 34.16
C ARG D 269 -22.91 15.82 33.54
N VAL D 270 -23.45 14.94 34.38
CA VAL D 270 -24.45 13.95 33.96
C VAL D 270 -25.50 13.80 35.05
N LYS D 271 -26.72 13.44 34.67
CA LYS D 271 -27.86 13.32 35.62
C LYS D 271 -28.17 11.86 35.91
N VAL E 7 6.77 29.98 29.98
CA VAL E 7 6.57 30.70 28.69
C VAL E 7 5.08 30.89 28.41
N GLU E 8 4.59 32.11 28.63
CA GLU E 8 3.35 32.58 28.01
C GLU E 8 3.71 33.08 26.61
N VAL E 9 3.11 32.47 25.59
CA VAL E 9 3.39 32.80 24.20
C VAL E 9 2.47 33.94 23.79
N LEU E 10 3.03 35.04 23.32
CA LEU E 10 2.23 36.20 22.97
C LEU E 10 2.22 36.34 21.44
N GLU E 11 2.22 37.55 20.89
CA GLU E 11 2.01 37.73 19.44
C GLU E 11 3.26 37.53 18.56
N VAL E 12 3.00 37.18 17.31
CA VAL E 12 4.02 37.09 16.26
C VAL E 12 4.41 38.48 15.80
N LYS E 13 5.70 38.72 15.56
CA LYS E 13 6.15 40.01 14.99
C LYS E 13 5.98 39.98 13.49
N THR E 14 5.67 41.11 12.90
CA THR E 14 5.57 41.23 11.44
C THR E 14 6.60 42.25 10.97
N GLY E 15 6.72 42.39 9.65
CA GLY E 15 7.69 43.29 9.03
C GLY E 15 8.69 42.45 8.27
N VAL E 16 9.38 43.10 7.34
CA VAL E 16 10.39 42.44 6.50
C VAL E 16 11.47 41.73 7.35
N ASP E 17 11.81 42.33 8.49
CA ASP E 17 12.82 41.82 9.39
C ASP E 17 12.36 40.59 10.25
N SER E 18 11.10 40.22 10.15
CA SER E 18 10.52 39.31 11.11
C SER E 18 10.66 37.81 10.78
N ILE E 19 11.20 37.46 9.62
CA ILE E 19 11.36 36.04 9.25
C ILE E 19 12.80 35.69 8.85
N THR E 20 13.17 34.42 8.98
CA THR E 20 14.47 33.94 8.54
C THR E 20 14.36 32.47 8.13
N GLU E 21 15.36 32.00 7.36
CA GLU E 21 15.38 30.63 6.88
C GLU E 21 16.68 29.95 7.25
N VAL E 22 16.58 28.64 7.50
CA VAL E 22 17.74 27.80 7.67
C VAL E 22 17.70 26.73 6.60
N GLU E 23 18.85 26.52 5.97
CA GLU E 23 18.97 25.52 4.94
C GLU E 23 20.30 24.82 5.10
N CYS E 24 20.26 23.48 5.25
CA CYS E 24 21.46 22.68 5.39
C CYS E 24 21.22 21.21 5.07
N PHE E 25 22.25 20.40 5.21
CA PHE E 25 22.11 18.97 5.04
C PHE E 25 22.86 18.26 6.16
N LEU E 26 22.33 17.12 6.59
CA LEU E 26 22.95 16.27 7.59
C LEU E 26 23.47 15.02 6.91
N THR E 27 24.75 14.72 7.10
CA THR E 27 25.33 13.50 6.53
C THR E 27 25.05 12.29 7.44
N PRO E 28 24.93 11.10 6.85
CA PRO E 28 24.61 9.93 7.64
C PRO E 28 25.87 9.43 8.35
N GLU E 29 25.68 8.76 9.47
CA GLU E 29 26.78 8.21 10.25
C GLU E 29 26.55 6.71 10.46
N MET E 30 27.01 5.94 9.48
CA MET E 30 26.70 4.53 9.40
C MET E 30 27.75 3.61 10.02
N GLY E 31 28.93 4.16 10.31
CA GLY E 31 30.01 3.37 10.89
C GLY E 31 31.38 3.65 10.27
N ASP E 32 31.40 3.90 8.95
CA ASP E 32 32.61 4.30 8.21
C ASP E 32 33.84 3.42 8.49
N PRO E 33 33.79 2.13 8.10
CA PRO E 33 34.82 1.14 8.53
C PRO E 33 36.24 1.36 8.00
N ASP E 34 36.37 2.10 6.90
CA ASP E 34 37.67 2.53 6.41
C ASP E 34 37.55 3.83 5.64
N GLU E 35 38.69 4.30 5.15
CA GLU E 35 38.81 5.56 4.42
C GLU E 35 38.01 5.64 3.10
N HIS E 36 37.49 4.51 2.62
CA HIS E 36 36.79 4.46 1.33
C HIS E 36 35.29 4.19 1.46
N LEU E 37 34.79 4.04 2.68
CA LEU E 37 33.46 3.50 2.88
C LEU E 37 32.55 4.43 3.70
N ARG E 38 32.77 5.74 3.55
CA ARG E 38 31.85 6.72 4.09
C ARG E 38 30.44 6.46 3.58
N GLY E 39 29.47 6.48 4.48
CA GLY E 39 28.07 6.15 4.18
C GLY E 39 27.72 4.67 4.32
N PHE E 40 28.72 3.81 4.58
CA PHE E 40 28.51 2.39 4.80
C PHE E 40 28.92 2.02 6.23
N SER E 41 28.32 0.92 6.73
CA SER E 41 28.79 0.27 7.95
C SER E 41 29.82 -0.81 7.66
N LYS E 42 30.49 -1.27 8.70
CA LYS E 42 31.25 -2.53 8.62
C LYS E 42 30.27 -3.64 8.23
N SER E 43 30.76 -4.61 7.50
CA SER E 43 30.03 -5.85 7.30
C SER E 43 29.45 -6.34 8.63
N ILE E 44 28.23 -6.86 8.59
CA ILE E 44 27.54 -7.29 9.79
C ILE E 44 27.88 -8.74 10.09
N SER E 45 28.28 -9.00 11.32
CA SER E 45 28.53 -10.35 11.81
C SER E 45 27.53 -10.64 12.91
N ILE E 46 27.50 -11.89 13.35
CA ILE E 46 26.49 -12.38 14.26
C ILE E 46 27.17 -13.13 15.41
N SER E 47 26.77 -12.82 16.65
CA SER E 47 27.38 -13.46 17.80
C SER E 47 26.96 -14.94 17.87
N ASP E 48 27.73 -15.72 18.61
CA ASP E 48 27.47 -17.17 18.73
C ASP E 48 26.44 -17.48 19.80
N THR E 49 26.19 -16.56 20.73
CA THR E 49 25.14 -16.73 21.74
C THR E 49 24.42 -15.44 21.95
N PHE E 50 23.23 -15.52 22.52
CA PHE E 50 22.47 -14.31 22.78
C PHE E 50 23.24 -13.40 23.75
N GLU E 51 23.76 -13.99 24.83
CA GLU E 51 24.42 -13.22 25.87
C GLU E 51 25.74 -12.58 25.44
N SER E 52 26.37 -13.09 24.38
CA SER E 52 27.68 -12.59 23.93
C SER E 52 27.62 -11.56 22.79
N ASP E 53 26.43 -11.05 22.49
CA ASP E 53 26.28 -9.98 21.50
C ASP E 53 27.17 -8.79 21.82
N SER E 54 28.05 -8.46 20.88
CA SER E 54 29.09 -7.48 21.14
C SER E 54 29.51 -6.67 19.90
N PRO E 55 28.62 -5.80 19.40
CA PRO E 55 28.91 -5.12 18.14
C PRO E 55 30.08 -4.13 18.16
N ASN E 56 30.89 -4.15 17.11
CA ASN E 56 31.89 -3.13 16.85
C ASN E 56 31.25 -1.75 16.70
N ARG E 57 31.98 -0.73 17.11
CA ARG E 57 31.55 0.64 16.84
C ARG E 57 31.25 0.87 15.35
N ASP E 58 32.14 0.41 14.48
CA ASP E 58 31.97 0.66 13.04
C ASP E 58 30.86 -0.15 12.36
N MET E 59 30.15 -0.98 13.12
CA MET E 59 29.02 -1.74 12.62
C MET E 59 27.69 -1.12 13.04
N LEU E 60 27.71 -0.08 13.88
CA LEU E 60 26.49 0.51 14.41
C LEU E 60 26.18 1.91 13.83
N PRO E 61 25.12 2.04 13.02
CA PRO E 61 24.68 3.37 12.61
C PRO E 61 24.23 4.22 13.82
N CYS E 62 24.46 5.53 13.76
CA CYS E 62 24.12 6.47 14.84
C CYS E 62 23.16 7.57 14.35
N TYR E 63 22.50 8.24 15.29
CA TYR E 63 21.67 9.40 14.99
C TYR E 63 22.58 10.55 14.55
N SER E 64 22.13 11.34 13.59
CA SER E 64 22.81 12.58 13.24
C SER E 64 22.10 13.78 13.85
N VAL E 65 22.87 14.79 14.20
CA VAL E 65 22.34 16.03 14.77
C VAL E 65 23.15 17.23 14.30
N ALA E 66 22.47 18.34 14.06
CA ALA E 66 23.14 19.65 13.89
C ALA E 66 22.43 20.69 14.77
N ARG E 67 23.24 21.44 15.51
CA ARG E 67 22.79 22.63 16.21
C ARG E 67 23.11 23.84 15.34
N ILE E 68 22.08 24.55 14.90
CA ILE E 68 22.24 25.70 13.99
C ILE E 68 21.99 27.02 14.72
N PRO E 69 23.03 27.86 14.89
CA PRO E 69 22.85 29.19 15.45
C PRO E 69 21.98 30.06 14.56
N LEU E 70 21.06 30.79 15.18
CA LEU E 70 20.14 31.68 14.50
C LEU E 70 20.53 33.13 14.79
N PRO E 71 19.97 34.08 14.02
CA PRO E 71 20.30 35.49 14.27
C PRO E 71 19.91 35.90 15.69
N ASN E 72 20.77 36.69 16.33
CA ASN E 72 20.65 36.99 17.74
C ASN E 72 19.41 37.83 17.97
N LEU E 73 18.64 37.45 18.99
CA LEU E 73 17.36 38.15 19.27
C LEU E 73 17.38 39.09 20.48
N ASN E 74 17.99 38.65 21.58
CA ASN E 74 18.01 39.48 22.79
C ASN E 74 19.42 39.81 23.24
N ILE E 82 11.12 40.13 25.28
CA ILE E 82 11.75 38.84 24.95
C ILE E 82 11.20 38.18 23.67
N LEU E 83 12.07 37.99 22.69
CA LEU E 83 11.69 37.40 21.41
C LEU E 83 12.41 36.09 21.22
N MET E 84 11.75 35.16 20.55
CA MET E 84 12.30 33.86 20.23
C MET E 84 11.98 33.52 18.79
N TRP E 85 12.87 32.80 18.12
CA TRP E 85 12.57 32.26 16.80
C TRP E 85 11.63 31.05 16.93
N GLU E 86 10.55 31.06 16.17
CA GLU E 86 9.58 29.98 16.15
C GLU E 86 9.64 29.26 14.81
N ALA E 87 9.88 27.96 14.82
CA ALA E 87 9.94 27.19 13.56
C ALA E 87 8.54 26.90 13.08
N VAL E 88 8.25 27.31 11.85
CA VAL E 88 6.88 27.23 11.31
C VAL E 88 6.71 26.15 10.26
N THR E 89 7.66 26.05 9.32
CA THR E 89 7.57 25.05 8.25
C THR E 89 8.88 24.33 8.00
N LEU E 90 8.76 23.14 7.40
CA LEU E 90 9.89 22.30 7.03
C LEU E 90 9.70 21.71 5.63
N LYS E 91 10.74 21.81 4.80
CA LYS E 91 10.91 20.95 3.64
C LYS E 91 12.12 20.07 3.87
N THR E 92 11.99 18.80 3.56
CA THR E 92 13.07 17.85 3.75
C THR E 92 13.04 16.77 2.66
N GLU E 93 14.20 16.16 2.45
CA GLU E 93 14.43 15.27 1.32
C GLU E 93 15.69 14.44 1.56
N VAL E 94 15.62 13.16 1.23
CA VAL E 94 16.81 12.33 1.18
C VAL E 94 17.59 12.67 -0.09
N ILE E 95 18.90 12.86 0.04
CA ILE E 95 19.77 13.31 -1.04
C ILE E 95 20.56 12.13 -1.65
N GLY E 96 20.40 11.91 -2.96
CA GLY E 96 21.18 10.88 -3.68
C GLY E 96 20.45 9.53 -3.86
N VAL E 97 19.12 9.55 -3.95
CA VAL E 97 18.33 8.32 -4.02
C VAL E 97 18.71 7.45 -5.23
N THR E 98 19.08 8.08 -6.34
CA THR E 98 19.47 7.37 -7.56
C THR E 98 20.79 6.58 -7.46
N SER E 99 21.65 6.90 -6.49
CA SER E 99 22.89 6.13 -6.30
C SER E 99 22.61 4.63 -6.10
N LEU E 100 21.42 4.31 -5.58
CA LEU E 100 21.01 2.91 -5.35
C LEU E 100 20.75 2.16 -6.64
N MET E 101 20.88 2.83 -7.78
CA MET E 101 20.83 2.17 -9.07
C MET E 101 22.19 1.64 -9.54
N ASN E 102 23.25 1.88 -8.77
CA ASN E 102 24.52 1.21 -9.04
C ASN E 102 24.42 -0.25 -8.59
N VAL E 103 24.09 -1.13 -9.54
CA VAL E 103 24.01 -2.57 -9.30
C VAL E 103 25.12 -3.31 -10.07
N HIS E 104 26.24 -2.62 -10.28
CA HIS E 104 27.36 -3.18 -11.04
C HIS E 104 28.70 -3.08 -10.30
N SER E 105 28.66 -2.73 -9.02
CA SER E 105 29.86 -2.47 -8.24
C SER E 105 29.99 -3.50 -7.12
N ASN E 106 30.63 -4.61 -7.44
CA ASN E 106 30.92 -5.68 -6.49
C ASN E 106 29.70 -6.19 -5.73
N GLY E 107 28.59 -6.29 -6.41
CA GLY E 107 27.37 -6.81 -5.80
C GLY E 107 27.28 -8.32 -6.00
N GLN E 108 26.37 -8.94 -5.27
CA GLN E 108 26.05 -10.36 -5.46
C GLN E 108 24.97 -10.46 -6.53
N ALA E 109 25.24 -11.22 -7.58
CA ALA E 109 24.28 -11.36 -8.66
C ALA E 109 23.04 -12.07 -8.16
N THR E 110 21.89 -11.58 -8.57
CA THR E 110 20.62 -12.12 -8.11
C THR E 110 20.38 -13.55 -8.58
N HIS E 111 20.99 -13.92 -9.71
CA HIS E 111 20.99 -15.29 -10.23
C HIS E 111 22.14 -15.37 -11.25
N ASP E 112 22.42 -16.54 -11.81
CA ASP E 112 23.50 -16.68 -12.78
C ASP E 112 23.38 -15.67 -13.93
N ASN E 113 24.44 -14.89 -14.14
CA ASN E 113 24.51 -13.86 -15.21
C ASN E 113 23.70 -12.61 -14.94
N GLY E 114 23.09 -12.51 -13.76
CA GLY E 114 22.20 -11.41 -13.43
C GLY E 114 22.95 -10.20 -12.95
N ALA E 115 22.21 -9.11 -12.76
CA ALA E 115 22.76 -7.88 -12.19
C ALA E 115 22.91 -8.03 -10.70
N GLY E 116 23.66 -7.11 -10.10
CA GLY E 116 23.84 -7.07 -8.67
C GLY E 116 22.56 -6.82 -7.89
N LYS E 117 22.46 -7.42 -6.72
CA LYS E 117 21.38 -7.19 -5.78
C LYS E 117 21.44 -5.73 -5.33
N PRO E 118 20.32 -4.99 -5.43
CA PRO E 118 20.35 -3.62 -4.96
C PRO E 118 20.23 -3.53 -3.43
N VAL E 119 20.59 -2.37 -2.91
CA VAL E 119 20.30 -2.07 -1.50
C VAL E 119 18.82 -2.32 -1.18
N GLN E 120 18.60 -3.06 -0.09
CA GLN E 120 17.26 -3.43 0.33
C GLN E 120 17.31 -3.98 1.75
N GLY E 121 16.15 -4.26 2.30
CA GLY E 121 16.06 -4.77 3.66
C GLY E 121 15.76 -3.65 4.65
N THR E 122 15.98 -3.95 5.92
CA THR E 122 15.53 -3.10 7.00
C THR E 122 15.96 -1.63 6.84
N SER E 123 15.02 -0.71 7.02
CA SER E 123 15.31 0.72 6.92
C SER E 123 14.72 1.49 8.10
N PHE E 124 15.35 2.62 8.42
CA PHE E 124 14.80 3.56 9.39
C PHE E 124 15.02 4.96 8.83
N HIS E 125 13.91 5.67 8.57
CA HIS E 125 13.96 7.04 8.08
C HIS E 125 13.32 7.96 9.10
N PHE E 126 14.05 8.97 9.53
CA PHE E 126 13.67 9.75 10.71
C PHE E 126 14.18 11.17 10.58
N PHE E 127 13.37 12.14 11.01
CA PHE E 127 13.83 13.50 11.12
C PHE E 127 13.05 14.28 12.20
N SER E 128 13.71 15.26 12.79
CA SER E 128 13.07 16.11 13.76
C SER E 128 13.60 17.54 13.68
N VAL E 129 12.76 18.47 14.11
CA VAL E 129 13.09 19.88 14.19
C VAL E 129 12.66 20.33 15.56
N GLY E 130 13.56 20.96 16.31
CA GLY E 130 13.23 21.43 17.65
C GLY E 130 13.97 22.68 18.08
N GLY E 131 13.45 23.32 19.13
CA GLY E 131 14.08 24.49 19.72
C GLY E 131 15.02 24.15 20.86
N GLU E 132 15.32 22.86 21.01
CA GLU E 132 16.28 22.33 21.94
C GLU E 132 16.63 20.91 21.47
N ALA E 133 17.61 20.27 22.09
CA ALA E 133 18.05 18.94 21.66
C ALA E 133 16.92 17.91 21.77
N LEU E 134 16.87 17.00 20.81
CA LEU E 134 15.97 15.86 20.82
C LEU E 134 16.19 15.06 22.09
N GLU E 135 15.10 14.69 22.75
CA GLU E 135 15.21 13.92 23.98
C GLU E 135 15.00 12.45 23.67
N LEU E 136 15.89 11.61 24.20
CA LEU E 136 15.92 10.18 23.83
C LEU E 136 15.52 9.28 24.98
N GLN E 137 14.87 8.17 24.66
CA GLN E 137 14.60 7.10 25.59
C GLN E 137 15.29 5.84 25.07
N GLY E 138 16.01 5.14 25.95
CA GLY E 138 16.69 3.90 25.58
C GLY E 138 15.79 2.68 25.61
N VAL E 139 15.84 1.86 24.56
CA VAL E 139 15.21 0.55 24.57
C VAL E 139 16.14 -0.44 23.90
N LEU E 140 16.41 -1.57 24.58
CA LEU E 140 17.38 -2.55 24.08
C LEU E 140 16.72 -3.83 23.52
N PHE E 141 17.20 -4.31 22.37
CA PHE E 141 16.71 -5.58 21.88
C PHE E 141 17.09 -6.70 22.85
N ASN E 142 18.30 -6.58 23.37
CA ASN E 142 18.92 -7.56 24.26
C ASN E 142 19.70 -6.81 25.34
N TYR E 143 19.29 -6.92 26.60
CA TYR E 143 19.90 -6.06 27.63
C TYR E 143 21.34 -6.46 27.90
N ARG E 144 21.72 -7.69 27.53
CA ARG E 144 23.08 -8.19 27.72
C ARG E 144 24.00 -7.82 26.56
N THR E 145 23.50 -7.10 25.57
CA THR E 145 24.35 -6.61 24.49
C THR E 145 25.45 -5.72 25.11
N LYS E 146 26.68 -5.96 24.68
CA LYS E 146 27.83 -5.18 25.10
C LYS E 146 28.08 -4.09 24.07
N TYR E 147 27.70 -2.85 24.38
CA TYR E 147 27.92 -1.72 23.44
C TYR E 147 29.36 -1.20 23.53
N PRO E 148 29.94 -0.77 22.40
CA PRO E 148 31.38 -0.54 22.36
C PRO E 148 31.82 0.83 22.82
N ASP E 149 33.09 0.89 23.24
CA ASP E 149 33.75 2.14 23.64
CA ASP E 149 33.75 2.14 23.63
C ASP E 149 33.62 3.14 22.51
N GLY E 150 33.35 4.40 22.86
CA GLY E 150 33.15 5.45 21.88
C GLY E 150 31.68 5.69 21.54
N THR E 151 30.77 4.82 21.98
CA THR E 151 29.33 5.10 21.79
C THR E 151 28.71 5.51 23.12
N ILE E 152 27.60 6.23 23.07
CA ILE E 152 26.80 6.55 24.27
C ILE E 152 25.54 5.69 24.24
N PHE E 153 25.36 4.87 25.27
CA PHE E 153 24.35 3.81 25.26
C PHE E 153 23.67 3.69 26.62
N PRO E 154 22.52 2.98 26.69
CA PRO E 154 21.86 2.79 27.98
C PRO E 154 22.74 2.12 29.02
N LYS E 155 23.02 2.83 30.12
CA LYS E 155 23.86 2.30 31.21
C LYS E 155 23.00 1.64 32.30
N ASN E 156 23.62 0.76 33.07
CA ASN E 156 22.93 -0.01 34.12
C ASN E 156 21.73 -0.78 33.57
N ALA E 157 21.90 -1.36 32.39
CA ALA E 157 20.84 -2.08 31.72
C ALA E 157 20.41 -3.27 32.54
N THR E 158 19.11 -3.55 32.56
CA THR E 158 18.54 -4.71 33.23
C THR E 158 17.61 -5.35 32.22
N VAL E 159 17.02 -6.49 32.58
CA VAL E 159 16.03 -7.13 31.73
C VAL E 159 14.83 -6.22 31.41
N GLN E 160 14.43 -5.36 32.34
CA GLN E 160 13.39 -4.38 32.06
C GLN E 160 13.76 -3.42 30.91
N SER E 161 15.05 -3.23 30.66
CA SER E 161 15.51 -2.37 29.57
C SER E 161 15.04 -2.88 28.19
N GLN E 162 14.67 -4.16 28.12
CA GLN E 162 14.16 -4.76 26.88
C GLN E 162 12.76 -4.28 26.51
N VAL E 163 12.04 -3.70 27.47
CA VAL E 163 10.68 -3.19 27.23
C VAL E 163 10.50 -1.71 27.65
N MET E 164 10.87 -1.34 28.87
CA MET E 164 10.89 0.09 29.26
C MET E 164 11.59 0.29 30.61
N ASN E 165 12.76 0.93 30.58
CA ASN E 165 13.48 1.28 31.78
C ASN E 165 13.64 2.80 31.76
N THR E 166 12.93 3.50 32.63
CA THR E 166 12.89 4.97 32.63
C THR E 166 14.21 5.63 33.03
N GLU E 167 15.17 4.86 33.53
CA GLU E 167 16.49 5.39 33.80
C GLU E 167 17.22 5.80 32.50
N HIS E 168 16.88 5.17 31.37
CA HIS E 168 17.61 5.43 30.14
C HIS E 168 17.14 6.72 29.41
N LYS E 169 17.51 7.87 29.94
CA LYS E 169 17.18 9.17 29.34
C LYS E 169 18.46 9.82 28.83
N ALA E 170 18.38 10.49 27.69
CA ALA E 170 19.54 11.22 27.17
C ALA E 170 19.09 12.32 26.21
N TYR E 171 20.05 13.19 25.88
CA TYR E 171 19.85 14.20 24.84
C TYR E 171 20.70 13.82 23.65
N LEU E 172 20.16 13.99 22.46
CA LEU E 172 20.93 13.81 21.23
C LEU E 172 21.77 15.07 21.04
N ASP E 173 22.96 15.05 21.62
CA ASP E 173 23.81 16.24 21.76
C ASP E 173 25.24 16.04 21.23
N LYS E 174 25.44 15.04 20.39
CA LYS E 174 26.77 14.69 19.90
C LYS E 174 26.62 13.74 18.72
N ASN E 175 27.47 13.92 17.71
CA ASN E 175 27.47 13.04 16.52
C ASN E 175 28.39 11.84 16.67
N LYS E 176 28.14 10.83 15.82
CA LYS E 176 28.85 9.54 15.86
C LYS E 176 28.86 8.91 17.25
N ALA E 177 27.79 9.10 18.00
CA ALA E 177 27.77 8.69 19.40
C ALA E 177 26.58 7.81 19.79
N TYR E 178 25.38 8.17 19.35
CA TYR E 178 24.16 7.52 19.84
C TYR E 178 23.69 6.44 18.85
N PRO E 179 23.89 5.15 19.18
CA PRO E 179 23.49 4.15 18.19
C PRO E 179 22.00 4.14 17.96
N VAL E 180 21.62 4.03 16.69
CA VAL E 180 20.21 4.02 16.30
C VAL E 180 19.42 2.90 17.01
N GLU E 181 20.01 1.73 17.14
CA GLU E 181 19.30 0.55 17.69
C GLU E 181 18.98 0.60 19.20
N CYS E 182 19.67 1.48 19.94
CA CYS E 182 19.49 1.65 21.39
C CYS E 182 18.54 2.74 21.81
N TRP E 183 18.26 3.69 20.92
CA TRP E 183 17.56 4.90 21.30
C TRP E 183 16.41 5.24 20.37
N VAL E 184 15.36 5.80 20.96
CA VAL E 184 14.25 6.40 20.23
C VAL E 184 13.90 7.75 20.84
N PRO E 185 13.19 8.60 20.09
CA PRO E 185 12.66 9.80 20.74
C PRO E 185 11.75 9.43 21.92
N ASP E 186 11.91 10.17 23.02
CA ASP E 186 11.16 9.97 24.24
C ASP E 186 9.78 10.61 24.07
N PRO E 187 8.73 9.79 23.89
CA PRO E 187 7.42 10.41 23.69
C PRO E 187 6.84 11.06 24.96
N THR E 188 7.47 10.83 26.12
CA THR E 188 7.05 11.44 27.38
C THR E 188 7.63 12.83 27.52
N ARG E 189 8.54 13.22 26.62
CA ARG E 189 9.12 14.57 26.65
C ARG E 189 8.97 15.20 25.25
N ASN E 190 9.97 15.95 24.78
CA ASN E 190 9.97 16.48 23.41
C ASN E 190 8.78 17.38 23.05
N GLU E 191 8.25 18.10 24.02
CA GLU E 191 7.19 19.06 23.75
C GLU E 191 7.62 20.25 22.86
N ASN E 192 8.91 20.56 22.82
CA ASN E 192 9.39 21.69 22.04
C ASN E 192 10.12 21.20 20.77
N THR E 193 9.73 20.01 20.30
CA THR E 193 10.32 19.38 19.13
C THR E 193 9.20 18.69 18.34
N ARG E 194 9.33 18.66 17.00
CA ARG E 194 8.45 17.85 16.17
C ARG E 194 9.27 16.72 15.55
N TYR E 195 8.87 15.49 15.77
CA TYR E 195 9.62 14.34 15.21
C TYR E 195 8.74 13.39 14.42
N PHE E 196 9.36 12.71 13.46
CA PHE E 196 8.64 11.86 12.52
C PHE E 196 9.59 10.73 12.12
N GLY E 197 9.14 9.48 12.24
CA GLY E 197 9.97 8.37 11.76
C GLY E 197 9.23 7.12 11.39
N THR E 198 9.87 6.29 10.57
CA THR E 198 9.32 5.01 10.11
C THR E 198 10.41 3.92 10.06
N LEU E 199 10.17 2.86 10.80
CA LEU E 199 10.95 1.65 10.73
C LEU E 199 10.22 0.71 9.77
N THR E 200 10.91 0.28 8.72
CA THR E 200 10.40 -0.81 7.87
C THR E 200 11.33 -2.01 7.98
N GLY E 201 10.87 -3.10 8.59
CA GLY E 201 11.75 -4.22 8.92
C GLY E 201 11.62 -5.42 7.99
N GLY E 202 12.71 -6.13 7.76
CA GLY E 202 12.63 -7.34 6.93
C GLY E 202 13.70 -7.32 5.88
N GLU E 203 14.28 -8.48 5.61
CA GLU E 203 15.51 -8.52 4.80
C GLU E 203 15.32 -8.22 3.32
N ASN E 204 14.11 -8.38 2.79
CA ASN E 204 13.85 -8.07 1.39
C ASN E 204 12.99 -6.82 1.17
N VAL E 205 12.81 -6.02 2.23
CA VAL E 205 12.03 -4.79 2.11
C VAL E 205 12.59 -3.91 0.96
N PRO E 206 11.73 -3.48 0.00
CA PRO E 206 12.20 -2.56 -1.06
C PRO E 206 12.24 -1.12 -0.61
N PRO E 207 13.38 -0.43 -0.81
CA PRO E 207 13.36 1.02 -0.59
C PRO E 207 12.33 1.73 -1.48
N VAL E 208 11.54 2.61 -0.88
CA VAL E 208 10.58 3.43 -1.63
C VAL E 208 10.90 4.86 -1.22
N LEU E 209 11.62 5.58 -2.08
CA LEU E 209 12.14 6.89 -1.72
C LEU E 209 11.60 7.93 -2.68
N HIS E 210 10.81 8.87 -2.14
CA HIS E 210 10.15 9.91 -2.93
C HIS E 210 10.95 11.19 -2.80
N ILE E 211 11.04 11.94 -3.88
CA ILE E 211 11.63 13.27 -3.87
C ILE E 211 10.71 14.26 -4.54
N THR E 212 10.64 15.47 -3.98
CA THR E 212 9.94 16.58 -4.59
C THR E 212 10.30 17.86 -3.83
N ASN E 213 10.25 19.02 -4.51
CA ASN E 213 10.45 20.30 -3.84
C ASN E 213 9.12 21.03 -3.66
N THR E 214 8.00 20.30 -3.75
CA THR E 214 6.67 20.87 -3.64
C THR E 214 5.96 20.55 -2.32
N ALA E 215 6.60 19.79 -1.44
CA ALA E 215 5.96 19.32 -0.19
C ALA E 215 6.48 20.05 1.05
N THR E 216 5.56 20.64 1.80
CA THR E 216 5.88 21.33 3.05
C THR E 216 5.17 20.71 4.28
N THR E 217 5.91 20.49 5.35
CA THR E 217 5.30 20.07 6.63
C THR E 217 5.14 21.27 7.57
N VAL E 218 3.92 21.51 8.05
CA VAL E 218 3.68 22.59 9.01
C VAL E 218 4.08 22.12 10.42
N LEU E 219 4.83 22.95 11.15
CA LEU E 219 5.40 22.55 12.44
C LEU E 219 4.62 23.07 13.63
N LEU E 220 3.54 23.80 13.37
CA LEU E 220 2.69 24.35 14.42
C LEU E 220 1.92 23.24 15.15
N ASP E 221 1.79 23.37 16.47
CA ASP E 221 0.95 22.47 17.25
C ASP E 221 -0.53 22.91 17.18
N GLU E 222 -1.38 22.20 17.92
CA GLU E 222 -2.82 22.46 17.88
C GLU E 222 -3.21 23.87 18.37
N PHE E 223 -2.28 24.59 19.02
CA PHE E 223 -2.51 25.98 19.42
C PHE E 223 -1.87 26.98 18.49
N GLY E 224 -1.30 26.51 17.39
CA GLY E 224 -0.70 27.41 16.40
C GLY E 224 0.71 27.83 16.77
N VAL E 225 1.39 27.01 17.58
CA VAL E 225 2.72 27.33 18.07
C VAL E 225 3.74 26.27 17.66
N GLY E 226 4.76 26.71 16.93
CA GLY E 226 5.87 25.85 16.57
C GLY E 226 6.92 25.78 17.65
N PRO E 227 7.96 24.96 17.44
CA PRO E 227 9.12 24.92 18.33
C PRO E 227 9.77 26.29 18.51
N LEU E 228 10.02 26.66 19.76
CA LEU E 228 10.61 27.95 20.11
C LEU E 228 12.08 27.73 20.46
N CYS E 229 12.96 28.46 19.79
CA CYS E 229 14.38 28.17 19.80
C CYS E 229 15.13 28.81 20.96
N LYS E 230 15.44 28.01 21.97
CA LYS E 230 16.08 28.53 23.19
C LYS E 230 17.53 28.91 22.91
N GLY E 231 17.95 30.05 23.43
CA GLY E 231 19.28 30.57 23.14
C GLY E 231 19.54 30.83 21.67
N ASP E 232 18.49 30.96 20.85
CA ASP E 232 18.65 31.18 19.41
C ASP E 232 19.37 30.04 18.70
N ASN E 233 19.03 28.79 19.05
CA ASN E 233 19.59 27.60 18.40
C ASN E 233 18.49 26.73 17.88
N LEU E 234 18.64 26.26 16.65
CA LEU E 234 17.73 25.28 16.05
C LEU E 234 18.37 23.89 16.01
N TYR E 235 17.62 22.87 16.40
CA TYR E 235 18.13 21.51 16.45
C TYR E 235 17.49 20.64 15.39
N LEU E 236 18.33 20.14 14.48
CA LEU E 236 17.90 19.21 13.44
C LEU E 236 18.57 17.86 13.69
N SER E 237 17.78 16.79 13.55
CA SER E 237 18.25 15.43 13.75
C SER E 237 17.72 14.53 12.63
N ALA E 238 18.47 13.49 12.28
CA ALA E 238 18.07 12.60 11.22
C ALA E 238 18.68 11.21 11.32
N VAL E 239 17.94 10.23 10.79
CA VAL E 239 18.50 8.93 10.44
C VAL E 239 17.92 8.50 9.10
N ASP E 240 18.78 8.06 8.20
CA ASP E 240 18.33 7.52 6.92
C ASP E 240 19.11 6.26 6.53
N VAL E 241 18.93 5.21 7.32
CA VAL E 241 19.45 3.88 6.97
C VAL E 241 18.53 3.36 5.89
N CYS E 242 19.03 3.24 4.67
CA CYS E 242 18.17 2.93 3.52
C CYS E 242 17.94 1.43 3.32
N GLY E 243 18.79 0.62 3.93
CA GLY E 243 18.80 -0.83 3.73
C GLY E 243 20.22 -1.33 3.86
N MET E 244 20.47 -2.51 3.31
CA MET E 244 21.79 -3.09 3.30
C MET E 244 22.26 -3.35 1.86
N PHE E 245 23.55 -3.12 1.62
CA PHE E 245 24.24 -3.51 0.40
C PHE E 245 24.84 -4.88 0.64
N THR E 246 24.64 -5.79 -0.31
CA THR E 246 25.20 -7.15 -0.26
C THR E 246 26.33 -7.30 -1.26
N ASN E 247 27.54 -7.60 -0.79
CA ASN E 247 28.63 -7.77 -1.74
C ASN E 247 28.72 -9.20 -2.29
N ARG E 248 29.63 -9.38 -3.25
CA ARG E 248 29.81 -10.64 -3.92
C ARG E 248 29.87 -11.84 -2.95
N SER E 249 30.54 -11.68 -1.81
CA SER E 249 30.72 -12.81 -0.88
C SER E 249 29.43 -13.13 -0.10
N GLY E 250 28.42 -12.25 -0.17
CA GLY E 250 27.21 -12.39 0.60
C GLY E 250 27.17 -11.53 1.87
N SER E 251 28.29 -10.89 2.22
CA SER E 251 28.30 -10.10 3.46
C SER E 251 27.58 -8.78 3.21
N GLN E 252 27.08 -8.17 4.29
CA GLN E 252 26.14 -7.08 4.17
C GLN E 252 26.49 -5.91 5.07
N GLN E 253 26.31 -4.73 4.51
CA GLN E 253 26.63 -3.48 5.18
C GLN E 253 25.44 -2.56 5.07
N TRP E 254 25.15 -1.87 6.16
CA TRP E 254 24.16 -0.81 6.13
C TRP E 254 24.62 0.29 5.15
N ARG E 255 23.67 0.87 4.40
CA ARG E 255 23.93 2.04 3.52
C ARG E 255 22.99 3.15 3.93
N GLY E 256 23.53 4.35 4.14
CA GLY E 256 22.74 5.52 4.51
C GLY E 256 22.95 6.64 3.51
N LEU E 257 22.07 7.65 3.58
CA LEU E 257 22.17 8.83 2.70
C LEU E 257 21.96 10.09 3.52
N SER E 258 22.47 11.22 3.04
CA SER E 258 22.27 12.50 3.72
C SER E 258 20.83 12.98 3.60
N ARG E 259 20.40 13.90 4.49
CA ARG E 259 19.07 14.51 4.44
C ARG E 259 19.16 16.03 4.38
N TYR E 260 18.38 16.62 3.47
CA TYR E 260 18.23 18.08 3.33
C TYR E 260 17.14 18.58 4.26
N PHE E 261 17.39 19.74 4.88
CA PHE E 261 16.39 20.46 5.68
C PHE E 261 16.30 21.92 5.20
N LYS E 262 15.08 22.41 5.00
CA LYS E 262 14.84 23.85 4.88
C LYS E 262 13.72 24.25 5.84
N VAL E 263 14.06 25.09 6.80
CA VAL E 263 13.13 25.48 7.87
C VAL E 263 12.87 27.00 7.85
N GLN E 264 11.59 27.39 7.85
CA GLN E 264 11.20 28.81 7.93
C GLN E 264 10.82 29.15 9.35
N LEU E 265 11.30 30.28 9.83
CA LEU E 265 11.06 30.69 11.19
C LEU E 265 10.57 32.11 11.24
N ARG E 266 9.86 32.43 12.32
CA ARG E 266 9.39 33.79 12.54
C ARG E 266 9.63 34.18 14.00
N LYS E 267 9.65 35.48 14.24
CA LYS E 267 9.85 36.02 15.59
C LYS E 267 8.55 36.01 16.36
N ARG E 268 8.58 35.48 17.57
CA ARG E 268 7.44 35.42 18.45
C ARG E 268 7.77 36.06 19.81
N ARG E 269 6.89 36.93 20.31
CA ARG E 269 7.07 37.46 21.69
C ARG E 269 6.61 36.47 22.76
N VAL E 270 7.39 36.34 23.83
CA VAL E 270 7.04 35.51 25.00
C VAL E 270 7.24 36.32 26.28
N LYS E 271 6.61 35.92 27.38
CA LYS E 271 6.68 36.70 28.65
C LYS E 271 7.67 36.10 29.65
#